data_9JMT
#
_entry.id   9JMT
#
_entity_poly.entity_id   1
_entity_poly.type   'polypeptide(L)'
_entity_poly.pdbx_seq_one_letter_code
;MYKNQLQELAQRSCFSLPSYTCTREGPDHAPRFKASVNFNGEIFESPTYCSTLRQAEHSAAEVALSALSSKGPSKLEHHH
HHH
;
_entity_poly.pdbx_strand_id   A
#
# COMPACT_ATOMS: atom_id res chain seq x y z
N MET A 1 -3.95 -10.20 -5.78
CA MET A 1 -5.18 -9.76 -6.50
C MET A 1 -5.34 -8.26 -6.37
N TYR A 2 -5.60 -7.79 -5.15
CA TYR A 2 -5.78 -6.37 -4.91
C TYR A 2 -4.48 -5.61 -5.22
N LYS A 3 -3.35 -6.20 -4.85
CA LYS A 3 -2.06 -5.57 -5.10
C LYS A 3 -1.84 -5.38 -6.60
N ASN A 4 -2.11 -6.43 -7.36
CA ASN A 4 -1.94 -6.38 -8.81
C ASN A 4 -2.84 -5.31 -9.42
N GLN A 5 -4.06 -5.20 -8.90
CA GLN A 5 -5.01 -4.22 -9.40
C GLN A 5 -4.44 -2.82 -9.27
N LEU A 6 -3.79 -2.55 -8.15
CA LEU A 6 -3.19 -1.24 -7.91
C LEU A 6 -2.08 -0.96 -8.92
N GLN A 7 -1.27 -1.98 -9.19
CA GLN A 7 -0.16 -1.85 -10.14
C GLN A 7 -0.68 -1.56 -11.54
N GLU A 8 -1.78 -2.21 -11.91
CA GLU A 8 -2.37 -2.03 -13.22
C GLU A 8 -2.79 -0.58 -13.42
N LEU A 9 -3.31 0.04 -12.36
CA LEU A 9 -3.76 1.43 -12.45
C LEU A 9 -2.58 2.34 -12.78
N ALA A 10 -1.44 2.10 -12.14
CA ALA A 10 -0.26 2.92 -12.39
C ALA A 10 0.22 2.75 -13.83
N GLN A 11 0.19 1.52 -14.33
CA GLN A 11 0.63 1.23 -15.67
C GLN A 11 -0.17 2.05 -16.68
N ARG A 12 -1.46 2.18 -16.42
CA ARG A 12 -2.34 2.94 -17.31
C ARG A 12 -1.88 4.39 -17.41
N SER A 13 -1.44 4.94 -16.28
CA SER A 13 -0.97 6.32 -16.26
C SER A 13 0.38 6.44 -16.95
N CYS A 14 1.04 5.30 -17.18
CA CYS A 14 2.33 5.30 -17.84
C CYS A 14 3.30 6.23 -17.12
N PHE A 15 3.03 6.51 -15.84
CA PHE A 15 3.89 7.37 -15.06
C PHE A 15 5.00 6.58 -14.39
N SER A 16 4.65 5.87 -13.31
CA SER A 16 5.63 5.07 -12.59
C SER A 16 4.94 3.94 -11.83
N LEU A 17 5.63 2.81 -11.73
CA LEU A 17 5.06 1.67 -11.04
C LEU A 17 5.13 1.86 -9.52
N PRO A 18 4.20 1.29 -8.79
CA PRO A 18 4.16 1.39 -7.30
C PRO A 18 5.40 0.78 -6.65
N SER A 19 5.79 1.34 -5.50
CA SER A 19 6.95 0.84 -4.78
C SER A 19 6.61 0.59 -3.31
N TYR A 20 7.17 -0.47 -2.76
CA TYR A 20 6.90 -0.82 -1.36
C TYR A 20 8.18 -1.25 -0.65
N THR A 21 8.26 -0.91 0.62
CA THR A 21 9.44 -1.27 1.42
C THR A 21 9.00 -1.89 2.74
N CYS A 22 9.85 -2.74 3.30
CA CYS A 22 9.55 -3.39 4.56
C CYS A 22 10.73 -3.32 5.51
N THR A 23 10.47 -3.00 6.76
CA THR A 23 11.52 -2.90 7.76
C THR A 23 11.19 -3.75 8.99
N ARG A 24 12.23 -4.18 9.71
CA ARG A 24 12.02 -5.00 10.90
C ARG A 24 12.65 -4.34 12.13
N GLU A 25 11.84 -4.12 13.15
CA GLU A 25 12.33 -3.50 14.38
C GLU A 25 11.67 -4.13 15.60
N GLY A 26 12.27 -3.90 16.77
CA GLY A 26 11.74 -4.45 18.00
C GLY A 26 12.53 -5.68 18.44
N PRO A 27 12.34 -6.11 19.67
CA PRO A 27 13.04 -7.30 20.23
C PRO A 27 12.52 -8.60 19.64
N ASP A 28 13.34 -9.64 19.71
CA ASP A 28 12.96 -10.94 19.19
C ASP A 28 11.73 -11.47 19.91
N HIS A 29 11.64 -11.20 21.21
CA HIS A 29 10.51 -11.64 22.02
C HIS A 29 9.23 -10.93 21.56
N ALA A 30 9.35 -9.65 21.21
CA ALA A 30 8.20 -8.87 20.76
C ALA A 30 8.53 -8.24 19.41
N PRO A 31 8.50 -9.03 18.37
CA PRO A 31 8.81 -8.55 16.98
C PRO A 31 7.76 -7.61 16.44
N ARG A 32 8.22 -6.62 15.68
CA ARG A 32 7.31 -5.65 15.08
C ARG A 32 7.62 -5.45 13.60
N PHE A 33 6.56 -5.47 12.77
CA PHE A 33 6.74 -5.30 11.34
C PHE A 33 6.19 -3.95 10.91
N LYS A 34 6.80 -3.36 9.88
CA LYS A 34 6.35 -2.07 9.38
C LYS A 34 6.73 -1.93 7.91
N ALA A 35 5.76 -1.61 7.07
CA ALA A 35 6.02 -1.46 5.65
C ALA A 35 5.41 -0.16 5.13
N SER A 36 6.06 0.43 4.14
CA SER A 36 5.57 1.69 3.55
C SER A 36 5.50 1.57 2.05
N VAL A 37 4.41 2.05 1.46
CA VAL A 37 4.24 1.98 0.00
C VAL A 37 4.06 3.39 -0.58
N ASN A 38 4.79 3.66 -1.66
CA ASN A 38 4.70 4.96 -2.32
C ASN A 38 3.99 4.82 -3.66
N PHE A 39 2.81 5.43 -3.77
CA PHE A 39 2.05 5.38 -5.00
C PHE A 39 1.65 6.78 -5.48
N ASN A 40 2.05 7.12 -6.69
CA ASN A 40 1.74 8.42 -7.27
C ASN A 40 2.26 9.55 -6.38
N GLY A 41 3.38 9.31 -5.70
CA GLY A 41 3.97 10.32 -4.84
C GLY A 41 3.38 10.27 -3.44
N GLU A 42 2.28 9.54 -3.27
CA GLU A 42 1.64 9.42 -1.97
C GLU A 42 2.20 8.24 -1.19
N ILE A 43 2.44 8.43 0.09
CA ILE A 43 3.02 7.37 0.91
C ILE A 43 1.95 6.81 1.85
N PHE A 44 1.81 5.50 1.83
CA PHE A 44 0.83 4.82 2.68
C PHE A 44 1.50 3.66 3.42
N GLU A 45 1.20 3.58 4.71
CA GLU A 45 1.78 2.51 5.53
C GLU A 45 0.70 1.74 6.25
N SER A 46 0.94 0.43 6.41
CA SER A 46 -0.04 -0.42 7.08
C SER A 46 -0.50 0.24 8.40
N PRO A 47 -1.78 0.56 8.50
CA PRO A 47 -2.34 1.22 9.71
C PRO A 47 -2.57 0.24 10.85
N THR A 48 -2.38 -1.05 10.59
CA THR A 48 -2.58 -2.06 11.62
C THR A 48 -1.34 -2.95 11.74
N TYR A 49 -1.19 -3.58 12.90
CA TYR A 49 -0.05 -4.46 13.13
C TYR A 49 -0.07 -5.62 12.15
N CYS A 50 1.09 -5.92 11.57
CA CYS A 50 1.18 -7.00 10.60
C CYS A 50 2.13 -8.10 11.11
N SER A 51 1.59 -9.32 11.23
CA SER A 51 2.40 -10.44 11.68
C SER A 51 3.52 -10.71 10.69
N THR A 52 3.20 -10.59 9.40
CA THR A 52 4.19 -10.82 8.35
C THR A 52 4.22 -9.64 7.39
N LEU A 53 5.32 -9.53 6.64
CA LEU A 53 5.47 -8.45 5.69
C LEU A 53 4.35 -8.50 4.65
N ARG A 54 3.80 -9.68 4.44
CA ARG A 54 2.74 -9.85 3.45
C ARG A 54 1.52 -9.00 3.82
N GLN A 55 1.18 -9.00 5.10
CA GLN A 55 0.05 -8.21 5.59
C GLN A 55 0.33 -6.72 5.45
N ALA A 56 1.58 -6.34 5.70
CA ALA A 56 1.97 -4.94 5.60
C ALA A 56 1.82 -4.43 4.17
N GLU A 57 2.28 -5.24 3.21
CA GLU A 57 2.20 -4.85 1.81
C GLU A 57 0.74 -4.73 1.39
N HIS A 58 -0.08 -5.66 1.86
CA HIS A 58 -1.51 -5.65 1.52
C HIS A 58 -2.19 -4.42 2.12
N SER A 59 -1.87 -4.14 3.37
CA SER A 59 -2.45 -2.99 4.06
C SER A 59 -2.08 -1.69 3.35
N ALA A 60 -0.84 -1.61 2.88
CA ALA A 60 -0.39 -0.42 2.18
C ALA A 60 -1.06 -0.29 0.80
N ALA A 61 -1.11 -1.41 0.07
CA ALA A 61 -1.71 -1.41 -1.25
C ALA A 61 -3.19 -1.09 -1.17
N GLU A 62 -3.86 -1.63 -0.14
CA GLU A 62 -5.29 -1.40 0.05
C GLU A 62 -5.56 0.08 0.31
N VAL A 63 -4.71 0.67 1.14
CA VAL A 63 -4.87 2.08 1.48
C VAL A 63 -4.69 2.96 0.25
N ALA A 64 -3.70 2.61 -0.58
CA ALA A 64 -3.41 3.39 -1.77
C ALA A 64 -4.50 3.22 -2.79
N LEU A 65 -4.97 2.00 -2.92
CA LEU A 65 -6.04 1.70 -3.85
C LEU A 65 -7.32 2.45 -3.48
N SER A 66 -7.66 2.38 -2.19
CA SER A 66 -8.86 3.05 -1.69
C SER A 66 -8.70 4.57 -1.79
N ALA A 67 -7.50 5.05 -1.47
CA ALA A 67 -7.22 6.48 -1.52
C ALA A 67 -7.38 7.01 -2.94
N LEU A 68 -6.91 6.22 -3.91
CA LEU A 68 -7.00 6.63 -5.31
C LEU A 68 -8.46 6.81 -5.73
N SER A 69 -9.30 5.84 -5.37
CA SER A 69 -10.71 5.90 -5.70
C SER A 69 -11.41 6.96 -4.85
N SER A 70 -10.76 7.36 -3.76
CA SER A 70 -11.32 8.37 -2.87
C SER A 70 -12.69 7.94 -2.38
N LYS A 71 -12.70 7.22 -1.26
CA LYS A 71 -13.94 6.74 -0.66
C LYS A 71 -14.95 6.35 -1.74
N GLY A 72 -14.47 5.74 -2.81
CA GLY A 72 -15.33 5.34 -3.91
C GLY A 72 -16.29 4.23 -3.50
N PRO A 73 -15.76 3.09 -3.14
CA PRO A 73 -16.58 1.93 -2.71
C PRO A 73 -17.42 2.24 -1.47
N SER A 74 -18.65 1.76 -1.46
CA SER A 74 -19.54 1.98 -0.33
C SER A 74 -20.53 0.82 -0.18
N LYS A 75 -20.87 0.51 1.06
CA LYS A 75 -21.82 -0.58 1.32
C LYS A 75 -23.18 -0.25 0.73
N LEU A 76 -23.61 0.99 0.90
CA LEU A 76 -24.91 1.43 0.39
C LEU A 76 -24.95 1.31 -1.13
N GLU A 77 -23.87 1.72 -1.78
CA GLU A 77 -23.81 1.65 -3.24
C GLU A 77 -23.94 0.22 -3.71
N HIS A 78 -24.76 0.02 -4.73
CA HIS A 78 -24.98 -1.31 -5.28
C HIS A 78 -25.63 -2.22 -4.24
N MET A 1 -2.95 -9.99 -4.82
CA MET A 1 -4.15 -9.63 -5.63
C MET A 1 -4.31 -8.12 -5.68
N TYR A 2 -4.46 -7.51 -4.50
CA TYR A 2 -4.62 -6.08 -4.41
C TYR A 2 -3.37 -5.35 -4.93
N LYS A 3 -2.21 -5.92 -4.61
CA LYS A 3 -0.96 -5.33 -5.05
C LYS A 3 -0.89 -5.25 -6.57
N ASN A 4 -1.26 -6.36 -7.22
CA ASN A 4 -1.25 -6.43 -8.68
C ASN A 4 -2.19 -5.36 -9.25
N GLN A 5 -3.31 -5.17 -8.58
CA GLN A 5 -4.28 -4.17 -9.04
C GLN A 5 -3.66 -2.78 -9.03
N LEU A 6 -2.89 -2.49 -8.00
CA LEU A 6 -2.22 -1.20 -7.90
C LEU A 6 -1.25 -0.98 -9.05
N GLN A 7 -0.51 -2.04 -9.39
CA GLN A 7 0.45 -1.96 -10.48
C GLN A 7 -0.26 -1.74 -11.82
N GLU A 8 -1.39 -2.41 -12.01
CA GLU A 8 -2.14 -2.27 -13.25
C GLU A 8 -2.65 -0.85 -13.42
N LEU A 9 -3.17 -0.27 -12.34
CA LEU A 9 -3.68 1.09 -12.39
C LEU A 9 -2.57 2.07 -12.74
N ALA A 10 -1.41 1.88 -12.12
CA ALA A 10 -0.27 2.76 -12.38
C ALA A 10 0.17 2.65 -13.84
N GLN A 11 0.21 1.43 -14.35
CA GLN A 11 0.63 1.19 -15.72
C GLN A 11 -0.30 1.92 -16.69
N ARG A 12 -1.59 1.90 -16.38
CA ARG A 12 -2.57 2.56 -17.23
C ARG A 12 -2.25 4.05 -17.35
N SER A 13 -1.89 4.68 -16.24
CA SER A 13 -1.57 6.10 -16.26
C SER A 13 -0.22 6.34 -16.94
N CYS A 14 0.56 5.26 -17.09
CA CYS A 14 1.87 5.37 -17.72
C CYS A 14 2.70 6.44 -17.03
N PHE A 15 2.37 6.73 -15.78
CA PHE A 15 3.10 7.74 -15.01
C PHE A 15 4.36 7.13 -14.38
N SER A 16 4.16 6.42 -13.28
CA SER A 16 5.29 5.79 -12.58
C SER A 16 4.84 4.50 -11.91
N LEU A 17 5.77 3.56 -11.77
CA LEU A 17 5.45 2.29 -11.14
C LEU A 17 5.42 2.44 -9.62
N PRO A 18 4.65 1.62 -8.94
CA PRO A 18 4.55 1.65 -7.45
C PRO A 18 5.78 1.06 -6.76
N SER A 19 6.03 1.51 -5.54
CA SER A 19 7.19 1.01 -4.79
C SER A 19 6.76 0.58 -3.39
N TYR A 20 7.46 -0.39 -2.83
CA TYR A 20 7.14 -0.87 -1.50
C TYR A 20 8.40 -1.20 -0.72
N THR A 21 8.42 -0.82 0.55
CA THR A 21 9.58 -1.08 1.41
C THR A 21 9.13 -1.66 2.75
N CYS A 22 9.77 -2.74 3.18
CA CYS A 22 9.42 -3.36 4.46
C CYS A 22 10.61 -3.32 5.41
N THR A 23 10.33 -3.00 6.67
CA THR A 23 11.38 -2.93 7.69
C THR A 23 10.99 -3.75 8.91
N ARG A 24 11.94 -4.52 9.42
CA ARG A 24 11.68 -5.35 10.60
C ARG A 24 12.38 -4.77 11.83
N GLU A 25 11.60 -4.54 12.89
CA GLU A 25 12.16 -4.00 14.12
C GLU A 25 11.40 -4.54 15.33
N GLY A 26 12.12 -4.72 16.44
CA GLY A 26 11.50 -5.22 17.67
C GLY A 26 12.18 -6.50 18.14
N PRO A 27 11.83 -6.96 19.31
CA PRO A 27 12.41 -8.20 19.89
C PRO A 27 11.94 -9.46 19.17
N ASP A 28 12.74 -10.51 19.25
CA ASP A 28 12.39 -11.78 18.61
C ASP A 28 11.11 -12.34 19.21
N HIS A 29 10.94 -12.20 20.52
CA HIS A 29 9.75 -12.70 21.19
C HIS A 29 8.52 -11.92 20.75
N ALA A 30 8.66 -10.60 20.62
CA ALA A 30 7.55 -9.75 20.21
C ALA A 30 8.01 -8.77 19.13
N PRO A 31 8.26 -9.27 17.95
CA PRO A 31 8.74 -8.43 16.81
C PRO A 31 7.66 -7.51 16.27
N ARG A 32 8.07 -6.31 15.87
CA ARG A 32 7.13 -5.33 15.33
C ARG A 32 7.36 -5.16 13.84
N PHE A 33 6.28 -5.00 13.08
CA PHE A 33 6.40 -4.85 11.64
C PHE A 33 6.16 -3.41 11.22
N LYS A 34 6.59 -3.08 10.02
CA LYS A 34 6.35 -1.75 9.50
C LYS A 34 6.76 -1.67 8.03
N ALA A 35 5.82 -1.31 7.16
CA ALA A 35 6.12 -1.20 5.73
C ALA A 35 5.49 0.06 5.15
N SER A 36 6.09 0.57 4.08
CA SER A 36 5.58 1.76 3.42
C SER A 36 5.45 1.53 1.92
N VAL A 37 4.36 2.00 1.35
CA VAL A 37 4.10 1.86 -0.07
C VAL A 37 3.91 3.22 -0.74
N ASN A 38 4.59 3.42 -1.85
CA ASN A 38 4.47 4.68 -2.60
C ASN A 38 3.72 4.48 -3.91
N PHE A 39 2.52 5.03 -3.99
CA PHE A 39 1.70 4.92 -5.19
C PHE A 39 1.26 6.30 -5.69
N ASN A 40 1.58 6.58 -6.94
CA ASN A 40 1.23 7.86 -7.55
C ASN A 40 1.84 9.03 -6.78
N GLY A 41 3.02 8.81 -6.23
CA GLY A 41 3.70 9.85 -5.49
C GLY A 41 3.17 9.95 -4.05
N GLU A 42 2.16 9.15 -3.74
CA GLU A 42 1.58 9.16 -2.40
C GLU A 42 2.12 8.00 -1.58
N ILE A 43 2.56 8.29 -0.37
CA ILE A 43 3.11 7.25 0.49
C ILE A 43 2.09 6.85 1.55
N PHE A 44 1.84 5.56 1.61
CA PHE A 44 0.88 5.01 2.57
C PHE A 44 1.54 3.90 3.38
N GLU A 45 1.36 3.95 4.69
CA GLU A 45 1.95 2.93 5.57
C GLU A 45 0.86 2.13 6.26
N SER A 46 1.13 0.84 6.45
CA SER A 46 0.17 -0.04 7.10
C SER A 46 -0.35 0.60 8.40
N PRO A 47 -1.59 1.03 8.42
CA PRO A 47 -2.20 1.66 9.62
C PRO A 47 -2.66 0.64 10.65
N THR A 48 -2.43 -0.65 10.36
CA THR A 48 -2.84 -1.70 11.29
C THR A 48 -1.64 -2.54 11.70
N TYR A 49 -1.75 -3.20 12.84
CA TYR A 49 -0.67 -4.05 13.34
C TYR A 49 -0.55 -5.31 12.49
N CYS A 50 0.68 -5.78 12.30
CA CYS A 50 0.91 -6.97 11.50
C CYS A 50 2.07 -7.77 12.06
N SER A 51 1.96 -9.10 12.01
CA SER A 51 3.02 -9.96 12.50
C SER A 51 4.01 -10.30 11.39
N THR A 52 3.58 -10.10 10.14
CA THR A 52 4.43 -10.38 8.99
C THR A 52 4.37 -9.23 8.00
N LEU A 53 5.40 -9.14 7.16
CA LEU A 53 5.46 -8.09 6.16
C LEU A 53 4.39 -8.30 5.09
N ARG A 54 3.87 -9.54 5.00
CA ARG A 54 2.86 -9.86 4.00
C ARG A 54 1.63 -8.99 4.21
N GLN A 55 1.22 -8.85 5.46
CA GLN A 55 0.05 -8.02 5.79
C GLN A 55 0.39 -6.55 5.64
N ALA A 56 1.67 -6.21 5.77
CA ALA A 56 2.09 -4.83 5.65
C ALA A 56 1.84 -4.28 4.24
N GLU A 57 2.23 -5.06 3.24
CA GLU A 57 2.04 -4.66 1.86
C GLU A 57 0.56 -4.53 1.55
N HIS A 58 -0.24 -5.47 2.06
CA HIS A 58 -1.68 -5.42 1.83
C HIS A 58 -2.31 -4.21 2.53
N SER A 59 -1.89 -3.96 3.75
CA SER A 59 -2.42 -2.85 4.51
C SER A 59 -2.15 -1.53 3.80
N ALA A 60 -0.96 -1.41 3.24
CA ALA A 60 -0.59 -0.20 2.51
C ALA A 60 -1.27 -0.15 1.14
N ALA A 61 -1.33 -1.29 0.48
CA ALA A 61 -1.92 -1.38 -0.85
C ALA A 61 -3.40 -0.99 -0.80
N GLU A 62 -4.08 -1.45 0.24
CA GLU A 62 -5.51 -1.16 0.40
C GLU A 62 -5.71 0.33 0.61
N VAL A 63 -4.83 0.93 1.38
CA VAL A 63 -4.92 2.36 1.65
C VAL A 63 -4.69 3.17 0.39
N ALA A 64 -3.71 2.78 -0.42
CA ALA A 64 -3.37 3.52 -1.62
C ALA A 64 -4.42 3.31 -2.68
N LEU A 65 -4.82 2.07 -2.84
CA LEU A 65 -5.83 1.73 -3.82
C LEU A 65 -7.18 2.34 -3.46
N SER A 66 -7.56 2.19 -2.20
CA SER A 66 -8.83 2.73 -1.73
C SER A 66 -8.83 4.25 -1.83
N ALA A 67 -7.72 4.86 -1.43
CA ALA A 67 -7.59 6.30 -1.48
C ALA A 67 -7.69 6.80 -2.91
N LEU A 68 -7.14 6.03 -3.84
CA LEU A 68 -7.19 6.40 -5.25
C LEU A 68 -8.64 6.51 -5.73
N SER A 69 -9.46 5.55 -5.35
CA SER A 69 -10.86 5.55 -5.74
C SER A 69 -11.56 6.79 -5.20
N SER A 70 -11.21 7.16 -3.97
CA SER A 70 -11.83 8.32 -3.33
C SER A 70 -13.34 8.12 -3.20
N LYS A 71 -13.79 6.89 -3.36
CA LYS A 71 -15.20 6.57 -3.26
C LYS A 71 -15.40 5.23 -2.55
N GLY A 72 -14.30 4.61 -2.11
CA GLY A 72 -14.40 3.33 -1.43
C GLY A 72 -15.26 3.44 -0.17
N PRO A 73 -14.95 4.36 0.71
CA PRO A 73 -15.74 4.59 1.96
C PRO A 73 -17.19 4.97 1.67
N SER A 74 -18.10 4.51 2.53
CA SER A 74 -19.52 4.82 2.35
C SER A 74 -20.26 4.69 3.68
N LYS A 75 -21.45 5.28 3.75
CA LYS A 75 -22.26 5.22 4.96
C LYS A 75 -23.74 5.19 4.62
N LEU A 76 -24.54 4.71 5.56
CA LEU A 76 -25.98 4.62 5.35
C LEU A 76 -26.61 6.01 5.41
N GLU A 77 -27.60 6.24 4.54
CA GLU A 77 -28.27 7.54 4.50
C GLU A 77 -29.00 7.80 5.81
N HIS A 78 -29.61 6.75 6.37
CA HIS A 78 -30.34 6.88 7.62
C HIS A 78 -30.53 5.51 8.27
N MET A 1 -6.00 -9.67 -8.17
CA MET A 1 -5.31 -9.32 -6.90
C MET A 1 -5.25 -7.80 -6.76
N TYR A 2 -5.20 -7.34 -5.51
CA TYR A 2 -5.15 -5.90 -5.25
C TYR A 2 -3.86 -5.30 -5.82
N LYS A 3 -2.76 -6.02 -5.69
CA LYS A 3 -1.49 -5.54 -6.20
C LYS A 3 -1.55 -5.36 -7.72
N ASN A 4 -2.15 -6.33 -8.40
CA ASN A 4 -2.26 -6.28 -9.85
C ASN A 4 -3.07 -5.06 -10.27
N GLN A 5 -4.15 -4.78 -9.52
CA GLN A 5 -5.00 -3.64 -9.83
C GLN A 5 -4.21 -2.35 -9.70
N LEU A 6 -3.37 -2.26 -8.68
CA LEU A 6 -2.56 -1.07 -8.48
C LEU A 6 -1.58 -0.86 -9.63
N GLN A 7 -0.97 -1.96 -10.08
CA GLN A 7 0.00 -1.89 -11.17
C GLN A 7 -0.67 -1.43 -12.45
N GLU A 8 -1.86 -1.95 -12.72
CA GLU A 8 -2.58 -1.57 -13.92
C GLU A 8 -2.94 -0.09 -13.89
N LEU A 9 -3.39 0.39 -12.74
CA LEU A 9 -3.76 1.78 -12.59
C LEU A 9 -2.57 2.69 -12.82
N ALA A 10 -1.41 2.30 -12.29
CA ALA A 10 -0.19 3.08 -12.44
C ALA A 10 0.20 3.18 -13.92
N GLN A 11 0.07 2.06 -14.64
CA GLN A 11 0.44 2.03 -16.04
C GLN A 11 -0.40 3.03 -16.83
N ARG A 12 -1.68 3.12 -16.49
CA ARG A 12 -2.56 4.05 -17.16
C ARG A 12 -2.10 5.49 -16.95
N SER A 13 -1.65 5.78 -15.73
CA SER A 13 -1.19 7.12 -15.41
C SER A 13 0.23 7.34 -15.93
N CYS A 14 0.90 6.25 -16.29
CA CYS A 14 2.27 6.33 -16.80
C CYS A 14 3.21 6.91 -15.75
N PHE A 15 2.96 6.57 -14.49
CA PHE A 15 3.78 7.04 -13.38
C PHE A 15 4.52 5.88 -12.71
N SER A 16 5.08 4.98 -13.52
CA SER A 16 5.80 3.84 -13.00
C SER A 16 4.90 2.99 -12.12
N LEU A 17 5.37 1.80 -11.77
CA LEU A 17 4.58 0.91 -10.94
C LEU A 17 4.77 1.22 -9.46
N PRO A 18 3.85 0.79 -8.62
CA PRO A 18 3.93 1.01 -7.14
C PRO A 18 5.13 0.32 -6.51
N SER A 19 5.65 0.91 -5.44
CA SER A 19 6.79 0.33 -4.74
C SER A 19 6.48 0.14 -3.26
N TYR A 20 6.98 -0.94 -2.69
CA TYR A 20 6.73 -1.23 -1.28
C TYR A 20 8.01 -1.69 -0.58
N THR A 21 8.20 -1.21 0.64
CA THR A 21 9.37 -1.59 1.43
C THR A 21 8.97 -2.00 2.83
N CYS A 22 9.46 -3.14 3.29
CA CYS A 22 9.13 -3.61 4.62
C CYS A 22 10.39 -3.69 5.49
N THR A 23 10.24 -3.32 6.76
CA THR A 23 11.37 -3.36 7.69
C THR A 23 11.00 -4.12 8.97
N ARG A 24 11.99 -4.76 9.58
CA ARG A 24 11.75 -5.52 10.81
C ARG A 24 12.56 -4.93 11.96
N GLU A 25 11.88 -4.61 13.06
CA GLU A 25 12.54 -4.06 14.22
C GLU A 25 11.74 -4.35 15.48
N GLY A 26 12.41 -4.32 16.62
CA GLY A 26 11.74 -4.59 17.90
C GLY A 26 12.34 -5.81 18.59
N PRO A 27 11.78 -6.18 19.71
CA PRO A 27 12.25 -7.35 20.52
C PRO A 27 12.09 -8.65 19.77
N ASP A 28 13.01 -9.57 20.01
CA ASP A 28 12.94 -10.86 19.34
C ASP A 28 11.69 -11.63 19.76
N HIS A 29 11.35 -11.55 21.04
CA HIS A 29 10.19 -12.27 21.57
C HIS A 29 8.90 -11.64 21.04
N ALA A 30 8.95 -10.34 20.75
CA ALA A 30 7.79 -9.63 20.23
C ALA A 30 8.24 -8.66 19.15
N PRO A 31 8.72 -9.16 18.04
CA PRO A 31 9.20 -8.30 16.93
C PRO A 31 8.11 -7.44 16.31
N ARG A 32 8.46 -6.21 15.96
CA ARG A 32 7.51 -5.29 15.34
C ARG A 32 7.83 -5.14 13.86
N PHE A 33 6.79 -5.12 13.03
CA PHE A 33 6.97 -4.99 11.59
C PHE A 33 6.31 -3.72 11.08
N LYS A 34 6.91 -3.11 10.07
CA LYS A 34 6.36 -1.90 9.49
C LYS A 34 6.73 -1.81 8.02
N ALA A 35 5.78 -1.45 7.17
CA ALA A 35 6.05 -1.35 5.74
C ALA A 35 5.45 -0.07 5.17
N SER A 36 6.14 0.51 4.20
CA SER A 36 5.65 1.74 3.56
C SER A 36 5.57 1.56 2.06
N VAL A 37 4.57 2.16 1.43
CA VAL A 37 4.41 2.02 -0.01
C VAL A 37 4.42 3.39 -0.68
N ASN A 38 5.12 3.50 -1.81
CA ASN A 38 5.19 4.76 -2.52
C ASN A 38 4.44 4.68 -3.85
N PHE A 39 3.53 5.64 -4.06
CA PHE A 39 2.75 5.66 -5.30
C PHE A 39 2.50 7.10 -5.75
N ASN A 40 3.05 7.45 -6.90
CA ASN A 40 2.88 8.79 -7.45
C ASN A 40 3.35 9.85 -6.45
N GLY A 41 4.40 9.52 -5.71
CA GLY A 41 4.94 10.46 -4.72
C GLY A 41 4.16 10.39 -3.41
N GLU A 42 3.04 9.67 -3.40
CA GLU A 42 2.22 9.55 -2.21
C GLU A 42 2.60 8.28 -1.44
N ILE A 43 2.87 8.44 -0.15
CA ILE A 43 3.27 7.30 0.67
C ILE A 43 2.12 6.81 1.55
N PHE A 44 1.82 5.53 1.44
CA PHE A 44 0.76 4.92 2.24
C PHE A 44 1.34 3.81 3.10
N GLU A 45 1.28 4.00 4.41
CA GLU A 45 1.81 3.01 5.33
C GLU A 45 0.68 2.21 5.97
N SER A 46 0.97 0.96 6.28
CA SER A 46 -0.04 0.09 6.88
C SER A 46 -0.71 0.78 8.07
N PRO A 47 -1.97 0.49 8.33
CA PRO A 47 -2.72 1.13 9.46
C PRO A 47 -2.01 0.95 10.80
N THR A 48 -1.56 -0.27 11.09
CA THR A 48 -0.89 -0.55 12.35
C THR A 48 0.18 -1.61 12.16
N TYR A 49 0.85 -1.96 13.25
CA TYR A 49 1.90 -2.98 13.19
C TYR A 49 1.28 -4.33 12.85
N CYS A 50 1.98 -5.09 12.02
CA CYS A 50 1.49 -6.40 11.60
C CYS A 50 2.43 -7.53 12.04
N SER A 51 1.86 -8.71 12.24
CA SER A 51 2.66 -9.87 12.63
C SER A 51 3.60 -10.28 11.50
N THR A 52 3.13 -10.13 10.27
CA THR A 52 3.94 -10.51 9.11
C THR A 52 3.97 -9.36 8.10
N LEU A 53 5.01 -9.35 7.26
CA LEU A 53 5.15 -8.32 6.25
C LEU A 53 4.03 -8.42 5.21
N ARG A 54 3.46 -9.61 5.07
CA ARG A 54 2.39 -9.83 4.11
C ARG A 54 1.18 -8.96 4.43
N GLN A 55 0.85 -8.89 5.71
CA GLN A 55 -0.28 -8.08 6.17
C GLN A 55 0.00 -6.61 5.96
N ALA A 56 1.25 -6.21 6.17
CA ALA A 56 1.62 -4.81 6.01
C ALA A 56 1.59 -4.40 4.54
N GLU A 57 2.08 -5.26 3.67
CA GLU A 57 2.09 -4.97 2.25
C GLU A 57 0.67 -4.96 1.70
N HIS A 58 -0.15 -5.92 2.16
CA HIS A 58 -1.53 -6.02 1.72
C HIS A 58 -2.33 -4.78 2.12
N SER A 59 -2.18 -4.37 3.38
CA SER A 59 -2.89 -3.21 3.88
C SER A 59 -2.44 -1.95 3.17
N ALA A 60 -1.21 -1.97 2.66
CA ALA A 60 -0.68 -0.82 1.94
C ALA A 60 -1.33 -0.70 0.56
N ALA A 61 -1.41 -1.83 -0.14
CA ALA A 61 -2.00 -1.83 -1.47
C ALA A 61 -3.47 -1.44 -1.42
N GLU A 62 -4.18 -1.94 -0.41
CA GLU A 62 -5.60 -1.62 -0.26
C GLU A 62 -5.79 -0.14 -0.01
N VAL A 63 -4.95 0.42 0.83
CA VAL A 63 -5.04 1.85 1.15
C VAL A 63 -4.77 2.70 -0.08
N ALA A 64 -3.77 2.32 -0.88
CA ALA A 64 -3.42 3.10 -2.05
C ALA A 64 -4.48 2.98 -3.12
N LEU A 65 -4.95 1.77 -3.32
CA LEU A 65 -5.98 1.52 -4.31
C LEU A 65 -7.28 2.21 -3.92
N SER A 66 -7.65 2.05 -2.66
CA SER A 66 -8.88 2.65 -2.15
C SER A 66 -8.77 4.16 -2.14
N ALA A 67 -7.56 4.66 -1.90
CA ALA A 67 -7.35 6.09 -1.85
C ALA A 67 -7.68 6.75 -3.19
N LEU A 68 -7.26 6.12 -4.28
CA LEU A 68 -7.52 6.67 -5.61
C LEU A 68 -9.01 6.66 -5.89
N SER A 69 -9.66 5.57 -5.51
CA SER A 69 -11.10 5.43 -5.74
C SER A 69 -11.87 6.43 -4.89
N SER A 70 -11.38 6.69 -3.68
CA SER A 70 -12.03 7.62 -2.77
C SER A 70 -12.08 9.02 -3.38
N LYS A 71 -10.98 9.42 -4.00
CA LYS A 71 -10.90 10.74 -4.63
C LYS A 71 -11.08 10.63 -6.14
N GLY A 72 -11.42 9.44 -6.62
CA GLY A 72 -11.60 9.23 -8.05
C GLY A 72 -12.92 8.51 -8.32
N PRO A 73 -14.02 9.20 -8.17
CA PRO A 73 -15.39 8.62 -8.40
C PRO A 73 -15.57 8.14 -9.83
N SER A 74 -16.32 7.06 -10.01
CA SER A 74 -16.56 6.51 -11.34
C SER A 74 -17.82 5.66 -11.35
N LYS A 75 -18.35 5.39 -12.53
CA LYS A 75 -19.56 4.60 -12.66
C LYS A 75 -19.28 3.33 -13.47
N LEU A 76 -19.96 2.24 -13.11
CA LEU A 76 -19.78 0.98 -13.79
C LEU A 76 -20.58 0.95 -15.09
N GLU A 77 -19.99 0.35 -16.13
CA GLU A 77 -20.65 0.25 -17.43
C GLU A 77 -21.29 -1.11 -17.60
N HIS A 78 -22.48 -1.14 -18.18
CA HIS A 78 -23.19 -2.40 -18.41
C HIS A 78 -23.25 -2.72 -19.89
N MET A 1 -4.13 -9.57 -4.63
CA MET A 1 -4.91 -9.11 -5.80
C MET A 1 -4.90 -7.59 -5.86
N TYR A 2 -4.94 -6.95 -4.70
CA TYR A 2 -4.94 -5.50 -4.63
C TYR A 2 -3.63 -4.94 -5.21
N LYS A 3 -2.53 -5.62 -4.92
CA LYS A 3 -1.23 -5.18 -5.41
C LYS A 3 -1.21 -5.19 -6.94
N ASN A 4 -1.72 -6.27 -7.53
CA ASN A 4 -1.76 -6.40 -8.98
C ASN A 4 -2.61 -5.29 -9.59
N GLN A 5 -3.71 -4.95 -8.92
CA GLN A 5 -4.59 -3.90 -9.41
C GLN A 5 -3.85 -2.56 -9.47
N LEU A 6 -3.03 -2.30 -8.45
CA LEU A 6 -2.26 -1.07 -8.40
C LEU A 6 -1.27 -1.00 -9.57
N GLN A 7 -0.65 -2.13 -9.87
CA GLN A 7 0.34 -2.18 -10.95
C GLN A 7 -0.30 -1.80 -12.28
N GLU A 8 -1.50 -2.31 -12.53
CA GLU A 8 -2.20 -2.01 -13.77
C GLU A 8 -2.57 -0.53 -13.84
N LEU A 9 -3.05 0.00 -12.71
CA LEU A 9 -3.47 1.41 -12.66
C LEU A 9 -2.27 2.33 -12.93
N ALA A 10 -1.13 2.00 -12.34
CA ALA A 10 0.07 2.80 -12.52
C ALA A 10 0.53 2.77 -13.98
N GLN A 11 0.47 1.58 -14.57
CA GLN A 11 0.91 1.41 -15.95
C GLN A 11 0.10 2.32 -16.87
N ARG A 12 -1.20 2.39 -16.63
CA ARG A 12 -2.06 3.23 -17.45
C ARG A 12 -1.69 4.70 -17.31
N SER A 13 -1.35 5.12 -16.09
CA SER A 13 -0.98 6.50 -15.84
C SER A 13 0.37 6.81 -16.45
N CYS A 14 1.13 5.77 -16.78
CA CYS A 14 2.47 5.95 -17.36
C CYS A 14 3.27 6.94 -16.53
N PHE A 15 2.91 7.08 -15.25
CA PHE A 15 3.62 8.00 -14.37
C PHE A 15 4.72 7.29 -13.62
N SER A 16 4.34 6.33 -12.78
CA SER A 16 5.32 5.57 -12.01
C SER A 16 4.74 4.22 -11.60
N LEU A 17 5.62 3.28 -11.31
CA LEU A 17 5.18 1.96 -10.90
C LEU A 17 5.07 1.87 -9.38
N PRO A 18 4.23 1.00 -8.88
CA PRO A 18 4.04 0.82 -7.40
C PRO A 18 5.32 0.38 -6.70
N SER A 19 5.53 0.89 -5.49
CA SER A 19 6.71 0.51 -4.71
C SER A 19 6.33 0.17 -3.28
N TYR A 20 7.02 -0.80 -2.70
CA TYR A 20 6.75 -1.20 -1.32
C TYR A 20 8.03 -1.56 -0.60
N THR A 21 8.12 -1.18 0.67
CA THR A 21 9.31 -1.49 1.48
C THR A 21 8.89 -2.10 2.80
N CYS A 22 9.77 -2.91 3.38
CA CYS A 22 9.48 -3.56 4.65
C CYS A 22 10.59 -3.30 5.66
N THR A 23 10.21 -2.94 6.88
CA THR A 23 11.18 -2.67 7.93
C THR A 23 10.87 -3.50 9.16
N ARG A 24 11.90 -4.10 9.75
CA ARG A 24 11.74 -4.92 10.93
C ARG A 24 12.55 -4.37 12.11
N GLU A 25 11.89 -4.17 13.24
CA GLU A 25 12.55 -3.64 14.43
C GLU A 25 11.96 -4.26 15.69
N GLY A 26 12.69 -4.13 16.79
CA GLY A 26 12.23 -4.69 18.07
C GLY A 26 12.96 -5.99 18.39
N PRO A 27 12.78 -6.48 19.58
CA PRO A 27 13.43 -7.74 20.04
C PRO A 27 12.83 -8.98 19.37
N ASP A 28 13.60 -10.06 19.38
CA ASP A 28 13.14 -11.31 18.76
C ASP A 28 11.88 -11.81 19.45
N HIS A 29 11.84 -11.67 20.78
CA HIS A 29 10.68 -12.11 21.55
C HIS A 29 9.44 -11.31 21.16
N ALA A 30 9.63 -10.01 20.96
CA ALA A 30 8.51 -9.13 20.59
C ALA A 30 8.86 -8.36 19.32
N PRO A 31 8.83 -9.02 18.19
CA PRO A 31 9.18 -8.41 16.88
C PRO A 31 8.12 -7.43 16.39
N ARG A 32 8.56 -6.35 15.75
CA ARG A 32 7.64 -5.36 15.21
C ARG A 32 7.83 -5.23 13.71
N PHE A 33 6.72 -5.26 12.98
CA PHE A 33 6.78 -5.16 11.51
C PHE A 33 6.08 -3.89 11.04
N LYS A 34 6.64 -3.26 10.01
CA LYS A 34 6.05 -2.05 9.47
C LYS A 34 6.55 -1.83 8.04
N ALA A 35 5.62 -1.62 7.11
CA ALA A 35 5.99 -1.41 5.72
C ALA A 35 5.26 -0.20 5.14
N SER A 36 5.89 0.47 4.19
CA SER A 36 5.28 1.64 3.55
C SER A 36 5.22 1.44 2.05
N VAL A 37 4.15 1.89 1.42
CA VAL A 37 3.99 1.75 -0.02
C VAL A 37 3.91 3.12 -0.69
N ASN A 38 4.63 3.27 -1.80
CA ASN A 38 4.64 4.53 -2.53
C ASN A 38 3.94 4.37 -3.88
N PHE A 39 2.85 5.10 -4.08
CA PHE A 39 2.11 5.03 -5.33
C PHE A 39 1.73 6.43 -5.82
N ASN A 40 2.19 6.76 -7.01
CA ASN A 40 1.90 8.06 -7.60
C ASN A 40 2.41 9.19 -6.71
N GLY A 41 3.49 8.92 -5.99
CA GLY A 41 4.08 9.92 -5.10
C GLY A 41 3.43 9.88 -3.71
N GLU A 42 2.30 9.19 -3.61
CA GLU A 42 1.59 9.11 -2.34
C GLU A 42 2.11 7.92 -1.52
N ILE A 43 2.39 8.17 -0.24
CA ILE A 43 2.92 7.12 0.62
C ILE A 43 1.85 6.65 1.60
N PHE A 44 1.63 5.34 1.62
CA PHE A 44 0.64 4.75 2.52
C PHE A 44 1.27 3.61 3.31
N GLU A 45 0.96 3.55 4.60
CA GLU A 45 1.52 2.51 5.45
C GLU A 45 0.40 1.75 6.15
N SER A 46 0.67 0.47 6.39
CA SER A 46 -0.31 -0.39 7.05
C SER A 46 -0.93 0.32 8.26
N PRO A 47 -2.19 0.11 8.52
CA PRO A 47 -2.90 0.78 9.66
C PRO A 47 -2.16 0.62 10.98
N THR A 48 -1.61 -0.58 11.21
CA THR A 48 -0.88 -0.83 12.44
C THR A 48 0.09 -1.99 12.26
N TYR A 49 0.92 -2.24 13.27
CA TYR A 49 1.88 -3.34 13.20
C TYR A 49 1.18 -4.63 12.81
N CYS A 50 1.82 -5.40 11.93
CA CYS A 50 1.25 -6.65 11.48
C CYS A 50 2.14 -7.84 11.85
N SER A 51 1.52 -8.97 12.12
CA SER A 51 2.28 -10.17 12.49
C SER A 51 3.10 -10.67 11.30
N THR A 52 2.62 -10.36 10.09
CA THR A 52 3.31 -10.78 8.88
C THR A 52 3.48 -9.63 7.91
N LEU A 53 4.55 -9.67 7.15
CA LEU A 53 4.81 -8.62 6.20
C LEU A 53 3.70 -8.56 5.15
N ARG A 54 3.17 -9.71 4.80
CA ARG A 54 2.13 -9.79 3.78
C ARG A 54 0.93 -8.95 4.18
N GLN A 55 0.59 -8.98 5.46
CA GLN A 55 -0.52 -8.19 5.96
C GLN A 55 -0.23 -6.70 5.85
N ALA A 56 1.02 -6.33 6.09
CA ALA A 56 1.42 -4.92 6.00
C ALA A 56 1.37 -4.42 4.57
N GLU A 57 1.91 -5.22 3.65
CA GLU A 57 1.92 -4.84 2.24
C GLU A 57 0.50 -4.84 1.68
N HIS A 58 -0.30 -5.81 2.09
CA HIS A 58 -1.67 -5.91 1.62
C HIS A 58 -2.47 -4.69 2.05
N SER A 59 -2.37 -4.33 3.31
CA SER A 59 -3.09 -3.17 3.84
C SER A 59 -2.58 -1.89 3.20
N ALA A 60 -1.32 -1.89 2.78
CA ALA A 60 -0.73 -0.72 2.14
C ALA A 60 -1.32 -0.51 0.75
N ALA A 61 -1.34 -1.59 -0.03
CA ALA A 61 -1.86 -1.52 -1.39
C ALA A 61 -3.35 -1.15 -1.36
N GLU A 62 -4.07 -1.74 -0.42
CA GLU A 62 -5.50 -1.48 -0.29
C GLU A 62 -5.76 0.00 -0.01
N VAL A 63 -4.92 0.59 0.84
CA VAL A 63 -5.06 2.00 1.17
C VAL A 63 -4.80 2.88 -0.04
N ALA A 64 -3.77 2.55 -0.82
CA ALA A 64 -3.42 3.35 -1.98
C ALA A 64 -4.44 3.17 -3.09
N LEU A 65 -4.86 1.94 -3.28
CA LEU A 65 -5.85 1.63 -4.29
C LEU A 65 -7.21 2.22 -3.95
N SER A 66 -7.57 2.11 -2.67
CA SER A 66 -8.85 2.64 -2.21
C SER A 66 -8.76 4.14 -1.98
N ALA A 67 -7.53 4.65 -1.87
CA ALA A 67 -7.32 6.07 -1.64
C ALA A 67 -7.91 6.90 -2.78
N LEU A 68 -7.71 6.44 -4.01
CA LEU A 68 -8.24 7.15 -5.17
C LEU A 68 -9.72 6.83 -5.38
N SER A 69 -10.11 5.61 -5.01
CA SER A 69 -11.50 5.19 -5.14
C SER A 69 -12.40 6.06 -4.28
N SER A 70 -11.94 6.39 -3.08
CA SER A 70 -12.73 7.22 -2.17
C SER A 70 -13.01 8.57 -2.80
N LYS A 71 -11.99 9.15 -3.43
CA LYS A 71 -12.14 10.46 -4.07
C LYS A 71 -13.19 10.39 -5.19
N GLY A 72 -13.10 9.34 -6.01
CA GLY A 72 -14.04 9.17 -7.11
C GLY A 72 -14.86 7.90 -6.93
N PRO A 73 -15.85 7.95 -6.07
CA PRO A 73 -16.73 6.77 -5.78
C PRO A 73 -17.68 6.47 -6.95
N SER A 74 -17.98 5.19 -7.13
CA SER A 74 -18.88 4.78 -8.21
C SER A 74 -20.33 5.00 -7.80
N LYS A 75 -21.24 4.88 -8.76
CA LYS A 75 -22.65 5.07 -8.48
C LYS A 75 -23.15 4.04 -7.47
N LEU A 76 -22.52 2.87 -7.46
CA LEU A 76 -22.91 1.82 -6.53
C LEU A 76 -21.77 1.54 -5.55
N GLU A 77 -22.07 1.65 -4.26
CA GLU A 77 -21.07 1.40 -3.22
C GLU A 77 -20.58 -0.04 -3.28
N HIS A 78 -21.52 -0.97 -3.48
CA HIS A 78 -21.18 -2.38 -3.55
C HIS A 78 -20.13 -2.63 -4.63
N MET A 1 -4.51 -9.72 -4.26
CA MET A 1 -5.03 -9.30 -5.59
C MET A 1 -5.08 -7.79 -5.66
N TYR A 2 -5.21 -7.15 -4.51
CA TYR A 2 -5.27 -5.69 -4.45
C TYR A 2 -3.96 -5.08 -4.97
N LYS A 3 -2.85 -5.70 -4.62
CA LYS A 3 -1.55 -5.19 -5.05
C LYS A 3 -1.46 -5.22 -6.58
N ASN A 4 -1.89 -6.33 -7.16
CA ASN A 4 -1.85 -6.48 -8.62
C ASN A 4 -2.72 -5.42 -9.28
N GLN A 5 -3.89 -5.19 -8.71
CA GLN A 5 -4.81 -4.20 -9.26
C GLN A 5 -4.20 -2.81 -9.20
N LEU A 6 -3.52 -2.50 -8.10
CA LEU A 6 -2.88 -1.21 -7.93
C LEU A 6 -1.77 -1.02 -8.96
N GLN A 7 -0.98 -2.07 -9.17
CA GLN A 7 0.12 -2.03 -10.13
C GLN A 7 -0.39 -1.83 -11.55
N GLU A 8 -1.49 -2.50 -11.88
CA GLU A 8 -2.08 -2.39 -13.20
C GLU A 8 -2.58 -0.97 -13.45
N LEU A 9 -3.17 -0.37 -12.43
CA LEU A 9 -3.69 1.00 -12.55
C LEU A 9 -2.55 1.97 -12.84
N ALA A 10 -1.44 1.80 -12.13
CA ALA A 10 -0.29 2.68 -12.34
C ALA A 10 0.28 2.51 -13.74
N GLN A 11 0.34 1.26 -14.21
CA GLN A 11 0.88 0.98 -15.53
C GLN A 11 0.06 1.67 -16.61
N ARG A 12 -1.26 1.56 -16.51
CA ARG A 12 -2.14 2.20 -17.47
C ARG A 12 -2.06 3.72 -17.36
N SER A 13 -1.94 4.21 -16.13
CA SER A 13 -1.87 5.65 -15.90
C SER A 13 -0.53 6.20 -16.38
N CYS A 14 0.43 5.30 -16.63
CA CYS A 14 1.75 5.72 -17.09
C CYS A 14 2.41 6.64 -16.07
N PHE A 15 2.09 6.43 -14.79
CA PHE A 15 2.66 7.24 -13.72
C PHE A 15 3.66 6.44 -12.89
N SER A 16 4.50 5.67 -13.58
CA SER A 16 5.51 4.86 -12.90
C SER A 16 4.84 3.81 -12.04
N LEU A 17 5.53 2.70 -11.83
CA LEU A 17 4.98 1.62 -11.02
C LEU A 17 5.10 1.93 -9.52
N PRO A 18 4.24 1.36 -8.70
CA PRO A 18 4.27 1.59 -7.23
C PRO A 18 5.47 0.94 -6.56
N SER A 19 5.89 1.49 -5.42
CA SER A 19 7.03 0.95 -4.69
C SER A 19 6.62 0.54 -3.28
N TYR A 20 7.18 -0.56 -2.81
CA TYR A 20 6.88 -1.07 -1.48
C TYR A 20 8.14 -1.29 -0.67
N THR A 21 8.10 -0.92 0.61
CA THR A 21 9.25 -1.10 1.47
C THR A 21 8.81 -1.76 2.78
N CYS A 22 9.69 -2.57 3.36
CA CYS A 22 9.37 -3.23 4.61
C CYS A 22 10.52 -3.06 5.61
N THR A 23 10.17 -2.75 6.85
CA THR A 23 11.18 -2.57 7.90
C THR A 23 10.91 -3.50 9.07
N ARG A 24 11.96 -4.15 9.57
CA ARG A 24 11.81 -5.08 10.70
C ARG A 24 12.59 -4.55 11.91
N GLU A 25 11.89 -4.41 13.02
CA GLU A 25 12.52 -3.91 14.24
C GLU A 25 11.78 -4.44 15.47
N GLY A 26 12.41 -4.30 16.62
CA GLY A 26 11.81 -4.77 17.87
C GLY A 26 12.44 -6.08 18.35
N PRO A 27 12.12 -6.48 19.54
CA PRO A 27 12.67 -7.74 20.16
C PRO A 27 12.26 -8.98 19.39
N ASP A 28 13.10 -9.99 19.45
CA ASP A 28 12.81 -11.22 18.74
C ASP A 28 11.52 -11.84 19.26
N HIS A 29 11.33 -11.80 20.59
CA HIS A 29 10.14 -12.38 21.20
C HIS A 29 8.89 -11.60 20.77
N ALA A 30 9.03 -10.29 20.67
CA ALA A 30 7.92 -9.43 20.27
C ALA A 30 8.34 -8.56 19.08
N PRO A 31 8.42 -9.15 17.92
CA PRO A 31 8.85 -8.44 16.68
C PRO A 31 7.80 -7.44 16.19
N ARG A 32 8.27 -6.36 15.59
CA ARG A 32 7.38 -5.34 15.07
C ARG A 32 7.55 -5.23 13.55
N PHE A 33 6.43 -5.23 12.84
CA PHE A 33 6.46 -5.13 11.38
C PHE A 33 5.89 -3.79 10.94
N LYS A 34 6.43 -3.25 9.85
CA LYS A 34 5.95 -1.99 9.32
C LYS A 34 6.28 -1.89 7.84
N ALA A 35 5.28 -1.56 7.03
CA ALA A 35 5.49 -1.45 5.59
C ALA A 35 5.07 -0.08 5.09
N SER A 36 5.76 0.42 4.08
CA SER A 36 5.43 1.73 3.50
C SER A 36 5.38 1.63 1.99
N VAL A 37 4.40 2.31 1.40
CA VAL A 37 4.26 2.29 -0.06
C VAL A 37 4.31 3.70 -0.62
N ASN A 38 5.10 3.89 -1.68
CA ASN A 38 5.22 5.21 -2.31
C ASN A 38 4.67 5.19 -3.73
N PHE A 39 3.62 5.99 -3.98
CA PHE A 39 3.02 6.04 -5.31
C PHE A 39 2.60 7.46 -5.66
N ASN A 40 3.10 7.96 -6.78
CA ASN A 40 2.78 9.31 -7.24
C ASN A 40 3.13 10.35 -6.18
N GLY A 41 4.17 10.07 -5.41
CA GLY A 41 4.60 11.00 -4.36
C GLY A 41 3.82 10.79 -3.08
N GLU A 42 2.73 10.02 -3.16
CA GLU A 42 1.90 9.77 -1.98
C GLU A 42 2.41 8.54 -1.24
N ILE A 43 2.58 8.67 0.07
CA ILE A 43 3.10 7.57 0.87
C ILE A 43 2.02 7.04 1.79
N PHE A 44 1.82 5.74 1.74
CA PHE A 44 0.83 5.09 2.59
C PHE A 44 1.48 3.93 3.34
N GLU A 45 1.20 3.83 4.62
CA GLU A 45 1.77 2.77 5.43
C GLU A 45 0.69 1.96 6.11
N SER A 46 0.96 0.67 6.26
CA SER A 46 0.00 -0.24 6.88
C SER A 46 -0.51 0.35 8.20
N PRO A 47 -1.72 0.03 8.60
CA PRO A 47 -2.33 0.57 9.87
C PRO A 47 -1.51 0.22 11.11
N THR A 48 -1.56 -1.04 11.50
CA THR A 48 -0.82 -1.50 12.69
C THR A 48 -1.00 -3.00 12.88
N TYR A 49 -0.12 -3.59 13.68
CA TYR A 49 -0.18 -5.02 13.95
C TYR A 49 -0.08 -5.83 12.66
N CYS A 50 1.06 -6.46 12.43
CA CYS A 50 1.25 -7.26 11.23
C CYS A 50 2.18 -8.44 11.53
N SER A 51 1.62 -9.64 11.57
CA SER A 51 2.42 -10.83 11.84
C SER A 51 3.46 -11.03 10.74
N THR A 52 3.06 -10.79 9.50
CA THR A 52 3.96 -10.94 8.37
C THR A 52 3.94 -9.69 7.49
N LEU A 53 5.02 -9.49 6.74
CA LEU A 53 5.13 -8.34 5.86
C LEU A 53 3.99 -8.35 4.85
N ARG A 54 3.44 -9.52 4.59
CA ARG A 54 2.35 -9.64 3.64
C ARG A 54 1.14 -8.82 4.08
N GLN A 55 0.81 -8.89 5.37
CA GLN A 55 -0.31 -8.15 5.91
C GLN A 55 -0.07 -6.64 5.81
N ALA A 56 1.17 -6.24 6.05
CA ALA A 56 1.52 -4.82 5.97
C ALA A 56 1.47 -4.32 4.53
N GLU A 57 1.99 -5.11 3.61
CA GLU A 57 2.01 -4.74 2.20
C GLU A 57 0.59 -4.71 1.64
N HIS A 58 -0.22 -5.69 2.05
CA HIS A 58 -1.59 -5.77 1.58
C HIS A 58 -2.38 -4.54 1.99
N SER A 59 -2.25 -4.17 3.25
CA SER A 59 -2.96 -3.01 3.77
C SER A 59 -2.44 -1.72 3.11
N ALA A 60 -1.18 -1.75 2.68
CA ALA A 60 -0.60 -0.58 2.03
C ALA A 60 -1.24 -0.36 0.66
N ALA A 61 -1.31 -1.42 -0.13
CA ALA A 61 -1.89 -1.33 -1.46
C ALA A 61 -3.37 -0.96 -1.37
N GLU A 62 -4.05 -1.51 -0.38
CA GLU A 62 -5.47 -1.21 -0.19
C GLU A 62 -5.69 0.26 0.11
N VAL A 63 -4.85 0.82 0.96
CA VAL A 63 -4.96 2.23 1.32
C VAL A 63 -4.74 3.11 0.10
N ALA A 64 -3.73 2.77 -0.70
CA ALA A 64 -3.41 3.58 -1.87
C ALA A 64 -4.49 3.45 -2.93
N LEU A 65 -4.95 2.23 -3.10
CA LEU A 65 -6.00 1.98 -4.07
C LEU A 65 -7.27 2.72 -3.69
N SER A 66 -7.64 2.63 -2.43
CA SER A 66 -8.83 3.30 -1.93
C SER A 66 -8.66 4.81 -2.02
N ALA A 67 -7.46 5.28 -1.71
CA ALA A 67 -7.17 6.70 -1.73
C ALA A 67 -7.38 7.28 -3.13
N LEU A 68 -6.84 6.60 -4.14
CA LEU A 68 -6.98 7.06 -5.52
C LEU A 68 -8.42 6.95 -5.96
N SER A 69 -9.05 5.86 -5.56
CA SER A 69 -10.44 5.59 -5.91
C SER A 69 -11.35 6.69 -5.36
N SER A 70 -11.07 7.12 -4.14
CA SER A 70 -11.87 8.17 -3.50
C SER A 70 -11.81 9.45 -4.31
N LYS A 71 -10.63 9.77 -4.81
CA LYS A 71 -10.44 10.97 -5.63
C LYS A 71 -10.55 10.64 -7.11
N GLY A 72 -10.88 9.39 -7.44
CA GLY A 72 -11.02 8.99 -8.83
C GLY A 72 -12.41 8.38 -9.06
N PRO A 73 -13.41 9.22 -9.17
CA PRO A 73 -14.82 8.76 -9.40
C PRO A 73 -14.96 7.99 -10.71
N SER A 74 -15.87 7.02 -10.72
CA SER A 74 -16.10 6.20 -11.92
C SER A 74 -16.54 7.08 -13.09
N LYS A 75 -17.41 8.05 -12.80
CA LYS A 75 -17.90 8.95 -13.84
C LYS A 75 -17.66 10.39 -13.45
N LEU A 76 -17.40 11.24 -14.44
CA LEU A 76 -17.15 12.65 -14.19
C LEU A 76 -18.37 13.30 -13.56
N GLU A 77 -19.55 12.97 -14.08
CA GLU A 77 -20.79 13.54 -13.55
C GLU A 77 -20.75 15.06 -13.57
N HIS A 78 -20.79 15.63 -14.78
CA HIS A 78 -20.75 17.08 -14.94
C HIS A 78 -21.69 17.76 -13.95
N MET A 1 -5.43 -10.17 -2.70
CA MET A 1 -4.20 -9.41 -3.05
C MET A 1 -4.58 -8.25 -3.97
N TYR A 2 -4.56 -7.04 -3.42
CA TYR A 2 -4.88 -5.86 -4.20
C TYR A 2 -3.61 -5.18 -4.72
N LYS A 3 -2.46 -5.77 -4.42
CA LYS A 3 -1.20 -5.22 -4.86
C LYS A 3 -1.13 -5.20 -6.38
N ASN A 4 -1.52 -6.31 -7.00
CA ASN A 4 -1.50 -6.41 -8.46
C ASN A 4 -2.44 -5.38 -9.07
N GLN A 5 -3.59 -5.17 -8.43
CA GLN A 5 -4.56 -4.21 -8.93
C GLN A 5 -3.98 -2.80 -8.90
N LEU A 6 -3.24 -2.49 -7.84
CA LEU A 6 -2.64 -1.17 -7.70
C LEU A 6 -1.58 -0.97 -8.79
N GLN A 7 -0.79 -2.01 -9.04
CA GLN A 7 0.26 -1.94 -10.06
C GLN A 7 -0.35 -1.72 -11.44
N GLU A 8 -1.46 -2.39 -11.70
CA GLU A 8 -2.13 -2.27 -12.99
C GLU A 8 -2.60 -0.83 -13.23
N LEU A 9 -3.08 -0.19 -12.17
CA LEU A 9 -3.55 1.18 -12.27
C LEU A 9 -2.42 2.11 -12.69
N ALA A 10 -1.25 1.90 -12.09
CA ALA A 10 -0.09 2.73 -12.42
C ALA A 10 0.35 2.49 -13.86
N GLN A 11 0.36 1.22 -14.27
CA GLN A 11 0.78 0.86 -15.62
C GLN A 11 -0.13 1.53 -16.64
N ARG A 12 -1.42 1.58 -16.34
CA ARG A 12 -2.38 2.19 -17.25
C ARG A 12 -2.04 3.66 -17.47
N SER A 13 -1.71 4.36 -16.40
CA SER A 13 -1.35 5.77 -16.50
C SER A 13 0.02 5.93 -17.15
N CYS A 14 0.78 4.84 -17.22
CA CYS A 14 2.11 4.87 -17.81
C CYS A 14 2.96 5.97 -17.16
N PHE A 15 2.58 6.36 -15.95
CA PHE A 15 3.32 7.38 -15.23
C PHE A 15 4.48 6.78 -14.45
N SER A 16 4.17 6.15 -13.32
CA SER A 16 5.20 5.51 -12.50
C SER A 16 4.65 4.28 -11.81
N LEU A 17 5.52 3.32 -11.54
CA LEU A 17 5.11 2.09 -10.87
C LEU A 17 5.16 2.27 -9.35
N PRO A 18 4.35 1.53 -8.63
CA PRO A 18 4.30 1.59 -7.15
C PRO A 18 5.54 0.98 -6.50
N SER A 19 5.89 1.49 -5.32
CA SER A 19 7.05 0.98 -4.61
C SER A 19 6.68 0.57 -3.19
N TYR A 20 7.41 -0.39 -2.64
CA TYR A 20 7.14 -0.85 -1.28
C TYR A 20 8.45 -1.09 -0.53
N THR A 21 8.46 -0.72 0.75
CA THR A 21 9.64 -0.91 1.58
C THR A 21 9.26 -1.57 2.89
N CYS A 22 10.01 -2.60 3.29
CA CYS A 22 9.74 -3.30 4.53
C CYS A 22 10.85 -3.07 5.55
N THR A 23 10.45 -2.80 6.80
CA THR A 23 11.43 -2.58 7.85
C THR A 23 11.15 -3.50 9.04
N ARG A 24 12.19 -3.87 9.77
CA ARG A 24 12.04 -4.74 10.92
C ARG A 24 12.50 -4.04 12.19
N GLU A 25 11.60 -3.96 13.16
CA GLU A 25 11.92 -3.32 14.44
C GLU A 25 11.31 -4.09 15.59
N GLY A 26 11.86 -3.90 16.78
CA GLY A 26 11.36 -4.58 17.97
C GLY A 26 12.26 -5.75 18.35
N PRO A 27 12.13 -6.23 19.56
CA PRO A 27 12.95 -7.37 20.07
C PRO A 27 12.55 -8.70 19.43
N ASP A 28 13.45 -9.67 19.48
CA ASP A 28 13.18 -10.99 18.90
C ASP A 28 11.98 -11.63 19.59
N HIS A 29 11.88 -11.45 20.90
CA HIS A 29 10.79 -12.01 21.67
C HIS A 29 9.46 -11.39 21.22
N ALA A 30 9.49 -10.11 20.89
CA ALA A 30 8.29 -9.40 20.45
C ALA A 30 8.51 -8.82 19.07
N PRO A 31 8.49 -9.65 18.06
CA PRO A 31 8.74 -9.23 16.65
C PRO A 31 7.65 -8.33 16.10
N ARG A 32 8.07 -7.30 15.38
CA ARG A 32 7.11 -6.37 14.78
C ARG A 32 7.51 -6.04 13.34
N PHE A 33 6.54 -6.12 12.44
CA PHE A 33 6.80 -5.83 11.03
C PHE A 33 6.01 -4.60 10.59
N LYS A 34 6.58 -3.81 9.68
CA LYS A 34 5.92 -2.62 9.19
C LYS A 34 6.52 -2.19 7.85
N ALA A 35 5.66 -1.94 6.87
CA ALA A 35 6.14 -1.54 5.55
C ALA A 35 5.32 -0.37 5.02
N SER A 36 5.94 0.43 4.16
CA SER A 36 5.25 1.58 3.57
C SER A 36 5.24 1.47 2.06
N VAL A 37 4.14 1.90 1.45
CA VAL A 37 4.02 1.86 0.00
C VAL A 37 3.94 3.27 -0.59
N ASN A 38 4.72 3.49 -1.64
CA ASN A 38 4.73 4.80 -2.29
C ASN A 38 4.08 4.73 -3.67
N PHE A 39 2.96 5.43 -3.85
CA PHE A 39 2.26 5.44 -5.11
C PHE A 39 1.93 6.86 -5.55
N ASN A 40 2.41 7.23 -6.73
CA ASN A 40 2.17 8.57 -7.27
C ASN A 40 2.68 9.65 -6.32
N GLY A 41 3.77 9.35 -5.63
CA GLY A 41 4.36 10.31 -4.71
C GLY A 41 3.72 10.23 -3.33
N GLU A 42 2.60 9.51 -3.24
CA GLU A 42 1.90 9.39 -1.97
C GLU A 42 2.38 8.15 -1.22
N ILE A 43 2.60 8.29 0.07
CA ILE A 43 3.08 7.17 0.89
C ILE A 43 1.97 6.70 1.83
N PHE A 44 1.71 5.41 1.81
CA PHE A 44 0.69 4.82 2.66
C PHE A 44 1.26 3.64 3.44
N GLU A 45 1.00 3.61 4.74
CA GLU A 45 1.49 2.54 5.59
C GLU A 45 0.35 1.76 6.21
N SER A 46 0.57 0.47 6.39
CA SER A 46 -0.47 -0.40 6.97
C SER A 46 -1.06 0.24 8.23
N PRO A 47 -2.34 0.04 8.48
CA PRO A 47 -3.03 0.63 9.66
C PRO A 47 -2.32 0.29 10.97
N THR A 48 -1.91 -0.97 11.11
CA THR A 48 -1.22 -1.39 12.33
C THR A 48 -0.14 -2.41 12.01
N TYR A 49 0.68 -2.73 13.01
CA TYR A 49 1.75 -3.70 12.80
C TYR A 49 1.17 -5.09 12.56
N CYS A 50 1.77 -5.83 11.63
CA CYS A 50 1.30 -7.16 11.30
C CYS A 50 2.38 -8.20 11.56
N SER A 51 1.97 -9.44 11.82
CA SER A 51 2.91 -10.51 12.08
C SER A 51 3.68 -10.87 10.82
N THR A 52 3.12 -10.51 9.66
CA THR A 52 3.77 -10.81 8.40
C THR A 52 3.84 -9.56 7.53
N LEU A 53 4.92 -9.45 6.78
CA LEU A 53 5.10 -8.29 5.93
C LEU A 53 4.01 -8.24 4.86
N ARG A 54 3.59 -9.39 4.39
CA ARG A 54 2.57 -9.45 3.35
C ARG A 54 1.32 -8.71 3.79
N GLN A 55 0.97 -8.82 5.06
CA GLN A 55 -0.20 -8.12 5.59
C GLN A 55 0.02 -6.61 5.58
N ALA A 56 1.24 -6.20 5.90
CA ALA A 56 1.57 -4.78 5.92
C ALA A 56 1.52 -4.17 4.52
N GLU A 57 2.13 -4.85 3.56
CA GLU A 57 2.14 -4.40 2.18
C GLU A 57 0.75 -4.50 1.57
N HIS A 58 0.02 -5.55 1.94
CA HIS A 58 -1.32 -5.77 1.42
C HIS A 58 -2.25 -4.65 1.86
N SER A 59 -2.18 -4.30 3.13
CA SER A 59 -3.01 -3.23 3.68
C SER A 59 -2.64 -1.89 3.07
N ALA A 60 -1.40 -1.78 2.61
CA ALA A 60 -0.94 -0.53 1.99
C ALA A 60 -1.60 -0.34 0.63
N ALA A 61 -1.65 -1.40 -0.17
CA ALA A 61 -2.24 -1.34 -1.49
C ALA A 61 -3.71 -0.95 -1.38
N GLU A 62 -4.38 -1.48 -0.38
CA GLU A 62 -5.80 -1.19 -0.17
C GLU A 62 -5.99 0.29 0.14
N VAL A 63 -5.11 0.83 0.95
CA VAL A 63 -5.19 2.24 1.33
C VAL A 63 -5.02 3.14 0.09
N ALA A 64 -4.04 2.80 -0.74
CA ALA A 64 -3.76 3.59 -1.93
C ALA A 64 -4.84 3.41 -2.97
N LEU A 65 -5.30 2.17 -3.10
CA LEU A 65 -6.35 1.86 -4.05
C LEU A 65 -7.64 2.58 -3.69
N SER A 66 -7.99 2.53 -2.40
CA SER A 66 -9.20 3.20 -1.92
C SER A 66 -9.04 4.71 -1.99
N ALA A 67 -7.84 5.18 -1.66
CA ALA A 67 -7.54 6.61 -1.70
C ALA A 67 -7.61 7.12 -3.13
N LEU A 68 -7.16 6.31 -4.07
CA LEU A 68 -7.15 6.70 -5.47
C LEU A 68 -8.56 6.99 -5.95
N SER A 69 -9.50 6.12 -5.60
CA SER A 69 -10.89 6.30 -5.99
C SER A 69 -11.46 7.57 -5.36
N SER A 70 -11.06 7.84 -4.12
CA SER A 70 -11.53 9.02 -3.41
C SER A 70 -11.10 10.29 -4.13
N LYS A 71 -9.87 10.29 -4.64
CA LYS A 71 -9.35 11.45 -5.36
C LYS A 71 -10.18 11.73 -6.60
N GLY A 72 -10.58 10.65 -7.28
CA GLY A 72 -11.38 10.79 -8.49
C GLY A 72 -12.55 11.77 -8.27
N PRO A 73 -12.49 12.93 -8.87
CA PRO A 73 -13.56 13.96 -8.73
C PRO A 73 -14.87 13.53 -9.40
N SER A 74 -14.76 12.62 -10.36
CA SER A 74 -15.95 12.14 -11.07
C SER A 74 -16.89 11.43 -10.12
N LYS A 75 -18.12 11.94 -10.02
CA LYS A 75 -19.11 11.34 -9.15
C LYS A 75 -19.45 9.92 -9.60
N LEU A 76 -19.61 9.74 -10.91
CA LEU A 76 -19.93 8.43 -11.47
C LEU A 76 -18.75 7.90 -12.26
N GLU A 77 -18.33 6.68 -11.93
CA GLU A 77 -17.21 6.06 -12.62
C GLU A 77 -17.53 5.88 -14.11
N HIS A 78 -18.76 5.44 -14.39
CA HIS A 78 -19.17 5.24 -15.78
C HIS A 78 -19.13 6.56 -16.55
N MET A 1 -5.40 -8.98 -3.94
CA MET A 1 -4.75 -8.61 -5.21
C MET A 1 -4.73 -7.09 -5.35
N TYR A 2 -4.69 -6.39 -4.21
CA TYR A 2 -4.67 -4.94 -4.22
C TYR A 2 -3.41 -4.41 -4.90
N LYS A 3 -2.29 -5.08 -4.65
CA LYS A 3 -1.02 -4.69 -5.25
C LYS A 3 -1.13 -4.76 -6.78
N ASN A 4 -1.73 -5.82 -7.27
CA ASN A 4 -1.91 -6.00 -8.71
C ASN A 4 -2.78 -4.89 -9.29
N GLN A 5 -3.81 -4.52 -8.55
CA GLN A 5 -4.72 -3.47 -8.98
C GLN A 5 -3.98 -2.15 -9.11
N LEU A 6 -3.08 -1.89 -8.17
CA LEU A 6 -2.30 -0.66 -8.19
C LEU A 6 -1.41 -0.60 -9.43
N GLN A 7 -0.85 -1.75 -9.80
CA GLN A 7 0.02 -1.83 -10.96
C GLN A 7 -0.73 -1.45 -12.24
N GLU A 8 -1.97 -1.92 -12.36
CA GLU A 8 -2.78 -1.61 -13.52
C GLU A 8 -3.08 -0.12 -13.60
N LEU A 9 -3.40 0.47 -12.44
CA LEU A 9 -3.71 1.89 -12.39
C LEU A 9 -2.49 2.73 -12.78
N ALA A 10 -1.31 2.32 -12.32
CA ALA A 10 -0.09 3.05 -12.63
C ALA A 10 0.18 3.01 -14.14
N GLN A 11 -0.07 1.85 -14.75
CA GLN A 11 0.16 1.70 -16.18
C GLN A 11 -0.68 2.69 -16.96
N ARG A 12 -1.93 2.89 -16.53
CA ARG A 12 -2.81 3.82 -17.21
C ARG A 12 -2.23 5.24 -17.17
N SER A 13 -1.73 5.64 -16.00
CA SER A 13 -1.14 6.97 -15.86
C SER A 13 0.24 7.02 -16.52
N CYS A 14 0.82 5.86 -16.80
CA CYS A 14 2.12 5.78 -17.43
C CYS A 14 3.15 6.57 -16.61
N PHE A 15 2.86 6.77 -15.32
CA PHE A 15 3.77 7.50 -14.45
C PHE A 15 4.89 6.61 -13.95
N SER A 16 4.55 5.71 -13.03
CA SER A 16 5.55 4.79 -12.49
C SER A 16 4.86 3.56 -11.91
N LEU A 17 5.64 2.49 -11.76
CA LEU A 17 5.08 1.25 -11.21
C LEU A 17 5.00 1.33 -9.69
N PRO A 18 4.17 0.50 -9.08
CA PRO A 18 4.03 0.45 -7.59
C PRO A 18 5.32 -0.03 -6.90
N SER A 19 5.57 0.47 -5.69
CA SER A 19 6.74 0.06 -4.94
C SER A 19 6.38 -0.20 -3.48
N TYR A 20 7.12 -1.10 -2.86
CA TYR A 20 6.86 -1.42 -1.46
C TYR A 20 8.16 -1.70 -0.71
N THR A 21 8.17 -1.37 0.57
CA THR A 21 9.34 -1.59 1.40
C THR A 21 8.92 -2.14 2.77
N CYS A 22 9.80 -2.94 3.38
CA CYS A 22 9.51 -3.53 4.68
C CYS A 22 10.61 -3.21 5.68
N THR A 23 10.21 -2.83 6.88
CA THR A 23 11.18 -2.51 7.93
C THR A 23 10.87 -3.28 9.20
N ARG A 24 11.90 -3.47 10.04
CA ARG A 24 11.74 -4.21 11.29
C ARG A 24 11.28 -3.26 12.40
N GLU A 25 10.56 -3.82 13.36
CA GLU A 25 10.04 -3.04 14.47
C GLU A 25 10.06 -3.84 15.76
N GLY A 26 10.38 -3.16 16.86
CA GLY A 26 10.41 -3.80 18.17
C GLY A 26 11.57 -4.78 18.29
N PRO A 27 11.91 -5.18 19.49
CA PRO A 27 13.01 -6.14 19.75
C PRO A 27 12.59 -7.59 19.47
N ASP A 28 13.52 -8.50 19.66
CA ASP A 28 13.24 -9.92 19.42
C ASP A 28 12.12 -10.40 20.33
N HIS A 29 12.11 -9.89 21.56
CA HIS A 29 11.10 -10.29 22.54
C HIS A 29 9.70 -9.82 22.10
N ALA A 30 9.65 -8.84 21.20
CA ALA A 30 8.39 -8.33 20.71
C ALA A 30 8.52 -8.04 19.22
N PRO A 31 8.62 -9.06 18.42
CA PRO A 31 8.81 -8.90 16.95
C PRO A 31 7.64 -8.16 16.29
N ARG A 32 8.00 -7.18 15.47
CA ARG A 32 7.00 -6.42 14.74
C ARG A 32 7.50 -6.05 13.34
N PHE A 33 6.66 -6.31 12.33
CA PHE A 33 7.03 -6.00 10.95
C PHE A 33 6.05 -4.98 10.38
N LYS A 34 6.57 -4.04 9.59
CA LYS A 34 5.71 -3.04 8.97
C LYS A 34 6.19 -2.77 7.56
N ALA A 35 5.25 -2.43 6.68
CA ALA A 35 5.60 -2.17 5.29
C ALA A 35 4.91 -0.91 4.80
N SER A 36 5.57 -0.22 3.88
CA SER A 36 5.02 1.01 3.31
C SER A 36 5.05 0.91 1.79
N VAL A 37 3.95 1.30 1.15
CA VAL A 37 3.88 1.27 -0.31
C VAL A 37 3.80 2.68 -0.88
N ASN A 38 4.59 2.95 -1.90
CA ASN A 38 4.59 4.29 -2.52
C ASN A 38 3.87 4.24 -3.87
N PHE A 39 3.01 5.22 -4.12
CA PHE A 39 2.28 5.28 -5.38
C PHE A 39 2.04 6.73 -5.80
N ASN A 40 2.61 7.11 -6.95
CA ASN A 40 2.46 8.46 -7.45
C ASN A 40 2.99 9.48 -6.44
N GLY A 41 4.02 9.12 -5.70
CA GLY A 41 4.61 10.02 -4.72
C GLY A 41 3.91 9.91 -3.36
N GLU A 42 2.75 9.24 -3.33
CA GLU A 42 2.01 9.09 -2.09
C GLU A 42 2.47 7.84 -1.34
N ILE A 43 2.70 7.98 -0.03
CA ILE A 43 3.16 6.85 0.77
C ILE A 43 2.04 6.36 1.67
N PHE A 44 1.80 5.08 1.62
CA PHE A 44 0.76 4.46 2.44
C PHE A 44 1.32 3.30 3.22
N GLU A 45 0.99 3.22 4.50
CA GLU A 45 1.48 2.14 5.32
C GLU A 45 0.33 1.45 6.04
N SER A 46 0.50 0.16 6.27
CA SER A 46 -0.55 -0.62 6.94
C SER A 46 -1.07 0.11 8.18
N PRO A 47 -2.32 -0.09 8.54
CA PRO A 47 -2.94 0.61 9.71
C PRO A 47 -2.41 0.10 11.05
N THR A 48 -2.04 -1.18 11.10
CA THR A 48 -1.52 -1.74 12.33
C THR A 48 -0.32 -2.63 12.06
N TYR A 49 0.45 -2.92 13.09
CA TYR A 49 1.63 -3.76 12.94
C TYR A 49 1.23 -5.10 12.35
N CYS A 50 2.02 -5.59 11.41
CA CYS A 50 1.73 -6.86 10.76
C CYS A 50 2.74 -7.92 11.17
N SER A 51 2.23 -9.06 11.64
CA SER A 51 3.09 -10.17 12.04
C SER A 51 3.82 -10.75 10.82
N THR A 52 3.26 -10.52 9.64
CA THR A 52 3.87 -11.01 8.41
C THR A 52 3.99 -9.88 7.39
N LEU A 53 4.99 -10.02 6.52
CA LEU A 53 5.25 -9.01 5.50
C LEU A 53 4.07 -8.97 4.54
N ARG A 54 3.48 -10.12 4.31
CA ARG A 54 2.34 -10.20 3.38
C ARG A 54 1.21 -9.29 3.83
N GLN A 55 0.91 -9.31 5.12
CA GLN A 55 -0.15 -8.46 5.67
C GLN A 55 0.24 -7.00 5.58
N ALA A 56 1.51 -6.72 5.81
CA ALA A 56 1.99 -5.36 5.76
C ALA A 56 1.86 -4.77 4.35
N GLU A 57 2.30 -5.53 3.36
CA GLU A 57 2.23 -5.08 1.98
C GLU A 57 0.78 -5.03 1.50
N HIS A 58 -0.01 -6.02 1.93
CA HIS A 58 -1.41 -6.08 1.55
C HIS A 58 -2.17 -4.85 2.04
N SER A 59 -1.95 -4.52 3.29
CA SER A 59 -2.59 -3.36 3.90
C SER A 59 -2.10 -2.08 3.25
N ALA A 60 -0.85 -2.08 2.82
CA ALA A 60 -0.29 -0.90 2.17
C ALA A 60 -0.94 -0.66 0.80
N ALA A 61 -1.02 -1.72 0.00
CA ALA A 61 -1.61 -1.63 -1.33
C ALA A 61 -3.10 -1.28 -1.24
N GLU A 62 -3.77 -1.88 -0.26
CA GLU A 62 -5.20 -1.64 -0.08
C GLU A 62 -5.46 -0.17 0.25
N VAL A 63 -4.62 0.38 1.11
CA VAL A 63 -4.76 1.77 1.50
C VAL A 63 -4.51 2.70 0.32
N ALA A 64 -3.51 2.39 -0.50
CA ALA A 64 -3.17 3.25 -1.62
C ALA A 64 -4.23 3.18 -2.70
N LEU A 65 -4.68 1.98 -2.95
CA LEU A 65 -5.71 1.76 -3.94
C LEU A 65 -7.02 2.40 -3.50
N SER A 66 -7.38 2.17 -2.25
CA SER A 66 -8.62 2.72 -1.70
C SER A 66 -8.51 4.23 -1.58
N ALA A 67 -7.28 4.71 -1.43
CA ALA A 67 -7.05 6.15 -1.32
C ALA A 67 -7.48 6.88 -2.58
N LEU A 68 -7.22 6.27 -3.73
CA LEU A 68 -7.56 6.88 -5.01
C LEU A 68 -9.07 7.03 -5.12
N SER A 69 -9.78 5.99 -4.72
CA SER A 69 -11.24 6.00 -4.78
C SER A 69 -11.80 7.08 -3.85
N SER A 70 -11.14 7.27 -2.71
CA SER A 70 -11.57 8.27 -1.74
C SER A 70 -11.50 9.66 -2.35
N LYS A 71 -10.42 9.93 -3.08
CA LYS A 71 -10.24 11.24 -3.72
C LYS A 71 -11.35 11.48 -4.72
N GLY A 72 -11.71 10.44 -5.47
CA GLY A 72 -12.78 10.56 -6.45
C GLY A 72 -12.54 11.77 -7.36
N PRO A 73 -13.32 12.84 -7.24
CA PRO A 73 -13.15 14.06 -8.09
C PRO A 73 -11.73 14.62 -8.01
N SER A 74 -11.22 15.10 -9.15
CA SER A 74 -9.87 15.66 -9.21
C SER A 74 -9.82 16.83 -10.18
N LYS A 75 -9.01 17.83 -9.84
CA LYS A 75 -8.87 19.01 -10.70
C LYS A 75 -8.32 18.62 -12.06
N LEU A 76 -7.35 17.71 -12.08
CA LEU A 76 -6.76 17.27 -13.33
C LEU A 76 -7.14 15.82 -13.61
N GLU A 77 -7.68 15.58 -14.80
CA GLU A 77 -8.09 14.23 -15.18
C GLU A 77 -6.87 13.30 -15.23
N HIS A 78 -5.77 13.81 -15.76
CA HIS A 78 -4.54 13.02 -15.85
C HIS A 78 -3.31 13.92 -15.71
N MET A 1 -3.60 -10.35 -4.31
CA MET A 1 -4.81 -10.01 -5.11
C MET A 1 -4.95 -8.50 -5.18
N TYR A 2 -5.13 -7.85 -4.03
CA TYR A 2 -5.27 -6.40 -4.00
C TYR A 2 -3.99 -5.72 -4.46
N LYS A 3 -2.86 -6.29 -4.07
CA LYS A 3 -1.56 -5.72 -4.45
C LYS A 3 -1.41 -5.73 -5.97
N ASN A 4 -1.74 -6.86 -6.59
CA ASN A 4 -1.62 -6.98 -8.04
C ASN A 4 -2.51 -5.96 -8.73
N GLN A 5 -3.73 -5.79 -8.21
CA GLN A 5 -4.66 -4.83 -8.80
C GLN A 5 -4.11 -3.42 -8.69
N LEU A 6 -3.47 -3.12 -7.57
CA LEU A 6 -2.91 -1.81 -7.38
C LEU A 6 -1.77 -1.54 -8.36
N GLN A 7 -0.91 -2.54 -8.54
CA GLN A 7 0.23 -2.41 -9.42
C GLN A 7 -0.23 -2.23 -10.87
N GLU A 8 -1.27 -2.97 -11.25
CA GLU A 8 -1.81 -2.89 -12.60
C GLU A 8 -2.39 -1.51 -12.89
N LEU A 9 -3.09 -0.96 -11.90
CA LEU A 9 -3.69 0.35 -12.06
C LEU A 9 -2.62 1.43 -12.27
N ALA A 10 -1.53 1.32 -11.51
CA ALA A 10 -0.45 2.28 -11.63
C ALA A 10 0.18 2.22 -13.02
N GLN A 11 0.34 1.01 -13.54
CA GLN A 11 0.93 0.82 -14.84
C GLN A 11 0.12 1.53 -15.91
N ARG A 12 -1.20 1.49 -15.77
CA ARG A 12 -2.09 2.14 -16.73
C ARG A 12 -1.83 3.64 -16.76
N SER A 13 -1.50 4.21 -15.60
CA SER A 13 -1.25 5.64 -15.52
C SER A 13 0.07 5.99 -16.22
N CYS A 14 0.88 4.98 -16.51
CA CYS A 14 2.15 5.18 -17.19
C CYS A 14 3.05 6.09 -16.36
N PHE A 15 2.85 6.08 -15.05
CA PHE A 15 3.67 6.90 -14.16
C PHE A 15 4.54 6.03 -13.27
N SER A 16 5.26 5.09 -13.89
CA SER A 16 6.13 4.19 -13.14
C SER A 16 5.31 3.32 -12.20
N LEU A 17 5.81 2.12 -11.94
CA LEU A 17 5.12 1.19 -11.06
C LEU A 17 5.25 1.64 -9.60
N PRO A 18 4.36 1.22 -8.76
CA PRO A 18 4.36 1.57 -7.30
C PRO A 18 5.58 1.00 -6.58
N SER A 19 6.06 1.71 -5.56
CA SER A 19 7.20 1.25 -4.79
C SER A 19 6.80 0.99 -3.34
N TYR A 20 7.31 -0.09 -2.76
CA TYR A 20 6.99 -0.42 -1.38
C TYR A 20 8.24 -0.84 -0.61
N THR A 21 8.27 -0.51 0.67
CA THR A 21 9.41 -0.86 1.50
C THR A 21 8.95 -1.51 2.80
N CYS A 22 9.79 -2.35 3.38
CA CYS A 22 9.45 -3.05 4.61
C CYS A 22 10.56 -2.87 5.65
N THR A 23 10.17 -2.56 6.88
CA THR A 23 11.14 -2.39 7.96
C THR A 23 10.79 -3.26 9.16
N ARG A 24 11.79 -3.92 9.71
CA ARG A 24 11.58 -4.80 10.86
C ARG A 24 12.46 -4.40 12.03
N GLU A 25 11.87 -4.31 13.21
CA GLU A 25 12.62 -3.91 14.41
C GLU A 25 12.04 -4.59 15.65
N GLY A 26 12.76 -4.52 16.75
CA GLY A 26 12.30 -5.12 18.00
C GLY A 26 12.92 -6.50 18.21
N PRO A 27 12.69 -7.09 19.34
CA PRO A 27 13.23 -8.43 19.68
C PRO A 27 12.53 -9.55 18.92
N ASP A 28 13.20 -10.70 18.83
CA ASP A 28 12.63 -11.85 18.13
C ASP A 28 11.34 -12.30 18.83
N HIS A 29 11.32 -12.20 20.14
CA HIS A 29 10.16 -12.59 20.93
C HIS A 29 8.95 -11.71 20.59
N ALA A 30 9.23 -10.42 20.31
CA ALA A 30 8.16 -9.49 19.97
C ALA A 30 8.56 -8.64 18.78
N PRO A 31 8.64 -9.24 17.63
CA PRO A 31 9.05 -8.54 16.37
C PRO A 31 8.03 -7.49 15.93
N ARG A 32 8.51 -6.40 15.35
CA ARG A 32 7.63 -5.34 14.89
C ARG A 32 7.64 -5.27 13.36
N PHE A 33 6.46 -5.16 12.77
CA PHE A 33 6.35 -5.09 11.31
C PHE A 33 5.77 -3.75 10.88
N LYS A 34 6.36 -3.16 9.85
CA LYS A 34 5.88 -1.88 9.34
C LYS A 34 6.37 -1.66 7.91
N ALA A 35 5.43 -1.37 7.01
CA ALA A 35 5.80 -1.15 5.61
C ALA A 35 5.12 0.12 5.09
N SER A 36 5.79 0.79 4.16
CA SER A 36 5.25 2.02 3.58
C SER A 36 5.20 1.90 2.06
N VAL A 37 4.15 2.43 1.47
CA VAL A 37 4.00 2.41 0.01
C VAL A 37 4.01 3.83 -0.56
N ASN A 38 4.89 4.06 -1.53
CA ASN A 38 4.98 5.38 -2.16
C ASN A 38 4.58 5.32 -3.62
N PHE A 39 3.52 6.03 -3.97
CA PHE A 39 3.05 6.06 -5.35
C PHE A 39 2.55 7.45 -5.72
N ASN A 40 3.10 7.99 -6.80
CA ASN A 40 2.71 9.32 -7.27
C ASN A 40 2.95 10.37 -6.21
N GLY A 41 3.96 10.15 -5.38
CA GLY A 41 4.30 11.09 -4.32
C GLY A 41 3.47 10.85 -3.08
N GLU A 42 2.43 10.04 -3.20
CA GLU A 42 1.56 9.74 -2.07
C GLU A 42 2.08 8.53 -1.30
N ILE A 43 2.21 8.68 0.01
CA ILE A 43 2.73 7.59 0.84
C ILE A 43 1.63 7.03 1.74
N PHE A 44 1.50 5.71 1.72
CA PHE A 44 0.51 5.03 2.55
C PHE A 44 1.18 3.96 3.42
N GLU A 45 0.84 3.95 4.69
CA GLU A 45 1.43 2.99 5.61
C GLU A 45 0.37 2.01 6.11
N SER A 46 0.79 0.76 6.33
CA SER A 46 -0.12 -0.27 6.82
C SER A 46 -0.95 0.25 8.00
N PRO A 47 -1.99 -0.45 8.35
CA PRO A 47 -2.89 -0.03 9.47
C PRO A 47 -2.13 0.23 10.76
N THR A 48 -1.24 -0.70 11.11
CA THR A 48 -0.44 -0.54 12.33
C THR A 48 0.56 -1.68 12.46
N TYR A 49 0.09 -2.81 13.00
CA TYR A 49 0.95 -3.97 13.19
C TYR A 49 0.47 -5.14 12.35
N CYS A 50 1.40 -5.81 11.70
CA CYS A 50 1.06 -6.95 10.86
C CYS A 50 1.95 -8.15 11.17
N SER A 51 1.38 -9.35 11.10
CA SER A 51 2.14 -10.56 11.39
C SER A 51 3.28 -10.72 10.37
N THR A 52 2.99 -10.36 9.11
CA THR A 52 4.00 -10.46 8.07
C THR A 52 3.99 -9.20 7.20
N LEU A 53 5.11 -8.93 6.54
CA LEU A 53 5.23 -7.75 5.69
C LEU A 53 4.21 -7.82 4.55
N ARG A 54 3.77 -9.03 4.22
CA ARG A 54 2.80 -9.22 3.16
C ARG A 54 1.50 -8.48 3.48
N GLN A 55 1.04 -8.61 4.71
CA GLN A 55 -0.18 -7.95 5.14
C GLN A 55 -0.02 -6.43 5.11
N ALA A 56 1.16 -5.96 5.49
CA ALA A 56 1.43 -4.53 5.50
C ALA A 56 1.46 -3.95 4.10
N GLU A 57 2.16 -4.62 3.20
CA GLU A 57 2.27 -4.18 1.81
C GLU A 57 0.91 -4.28 1.12
N HIS A 58 0.18 -5.35 1.42
CA HIS A 58 -1.14 -5.54 0.83
C HIS A 58 -2.12 -4.49 1.32
N SER A 59 -2.11 -4.25 2.63
CA SER A 59 -3.00 -3.27 3.24
C SER A 59 -2.68 -1.86 2.72
N ALA A 60 -1.40 -1.62 2.46
CA ALA A 60 -0.98 -0.32 1.94
C ALA A 60 -1.57 -0.08 0.55
N ALA A 61 -1.50 -1.09 -0.30
CA ALA A 61 -2.02 -0.97 -1.66
C ALA A 61 -3.53 -0.72 -1.61
N GLU A 62 -4.21 -1.39 -0.69
CA GLU A 62 -5.65 -1.22 -0.55
C GLU A 62 -5.98 0.21 -0.12
N VAL A 63 -5.20 0.75 0.80
CA VAL A 63 -5.42 2.10 1.27
C VAL A 63 -5.28 3.10 0.12
N ALA A 64 -4.24 2.92 -0.69
CA ALA A 64 -3.99 3.81 -1.81
C ALA A 64 -5.03 3.61 -2.89
N LEU A 65 -5.44 2.36 -3.06
CA LEU A 65 -6.45 2.04 -4.06
C LEU A 65 -7.78 2.69 -3.72
N SER A 66 -8.19 2.56 -2.46
CA SER A 66 -9.45 3.15 -2.01
C SER A 66 -9.35 4.68 -2.00
N ALA A 67 -8.20 5.18 -1.54
CA ALA A 67 -7.96 6.61 -1.50
C ALA A 67 -7.91 7.19 -2.91
N LEU A 68 -7.32 6.44 -3.82
CA LEU A 68 -7.19 6.88 -5.21
C LEU A 68 -8.57 7.08 -5.83
N SER A 69 -9.46 6.13 -5.58
CA SER A 69 -10.82 6.21 -6.13
C SER A 69 -11.59 7.37 -5.50
N SER A 70 -11.38 7.57 -4.20
CA SER A 70 -12.08 8.64 -3.49
C SER A 70 -11.71 10.00 -4.07
N LYS A 71 -10.47 10.14 -4.50
CA LYS A 71 -10.00 11.40 -5.07
C LYS A 71 -9.69 11.22 -6.56
N GLY A 72 -10.25 10.17 -7.16
CA GLY A 72 -10.02 9.91 -8.57
C GLY A 72 -11.33 9.59 -9.28
N PRO A 73 -12.18 10.56 -9.45
CA PRO A 73 -13.49 10.39 -10.12
C PRO A 73 -13.34 9.79 -11.52
N SER A 74 -12.27 10.18 -12.22
CA SER A 74 -12.03 9.67 -13.56
C SER A 74 -10.54 9.65 -13.86
N LYS A 75 -10.15 8.87 -14.87
CA LYS A 75 -8.75 8.76 -15.24
C LYS A 75 -8.19 10.12 -15.67
N LEU A 76 -8.96 10.85 -16.47
CA LEU A 76 -8.53 12.17 -16.92
C LEU A 76 -9.34 13.26 -16.25
N GLU A 77 -8.67 14.34 -15.86
CA GLU A 77 -9.34 15.45 -15.19
C GLU A 77 -9.34 16.68 -16.09
N HIS A 78 -10.49 17.35 -16.17
CA HIS A 78 -10.61 18.55 -17.00
C HIS A 78 -10.13 18.26 -18.41
N MET A 1 -5.87 -9.13 -4.18
CA MET A 1 -4.98 -8.77 -5.32
C MET A 1 -4.93 -7.25 -5.45
N TYR A 2 -4.92 -6.56 -4.32
CA TYR A 2 -4.87 -5.10 -4.33
C TYR A 2 -3.58 -4.61 -4.98
N LYS A 3 -2.49 -5.31 -4.70
CA LYS A 3 -1.19 -4.93 -5.27
C LYS A 3 -1.26 -4.97 -6.79
N ASN A 4 -1.82 -6.04 -7.33
CA ASN A 4 -1.93 -6.18 -8.78
C ASN A 4 -2.78 -5.06 -9.36
N GLN A 5 -3.85 -4.70 -8.66
CA GLN A 5 -4.73 -3.64 -9.12
C GLN A 5 -3.97 -2.31 -9.18
N LEU A 6 -3.13 -2.07 -8.19
CA LEU A 6 -2.34 -0.85 -8.15
C LEU A 6 -1.38 -0.77 -9.33
N GLN A 7 -0.79 -1.91 -9.67
CA GLN A 7 0.16 -1.97 -10.78
C GLN A 7 -0.53 -1.64 -12.10
N GLU A 8 -1.74 -2.15 -12.28
CA GLU A 8 -2.50 -1.89 -13.50
C GLU A 8 -2.86 -0.41 -13.60
N LEU A 9 -3.30 0.16 -12.48
CA LEU A 9 -3.69 1.57 -12.46
C LEU A 9 -2.50 2.47 -12.76
N ALA A 10 -1.36 2.13 -12.18
CA ALA A 10 -0.14 2.91 -12.39
C ALA A 10 0.29 2.85 -13.85
N GLN A 11 0.18 1.67 -14.44
CA GLN A 11 0.58 1.46 -15.83
C GLN A 11 -0.21 2.39 -16.74
N ARG A 12 -1.49 2.58 -16.42
CA ARG A 12 -2.34 3.44 -17.22
C ARG A 12 -1.81 4.88 -17.22
N SER A 13 -1.32 5.33 -16.08
CA SER A 13 -0.77 6.67 -15.99
C SER A 13 0.62 6.73 -16.63
N CYS A 14 1.22 5.57 -16.87
CA CYS A 14 2.54 5.51 -17.47
C CYS A 14 3.52 6.40 -16.71
N PHE A 15 3.21 6.68 -15.45
CA PHE A 15 4.08 7.51 -14.63
C PHE A 15 5.15 6.68 -13.93
N SER A 16 4.73 5.92 -12.92
CA SER A 16 5.66 5.08 -12.19
C SER A 16 4.94 3.88 -11.60
N LEU A 17 5.61 2.73 -11.58
CA LEU A 17 4.99 1.52 -11.04
C LEU A 17 4.98 1.56 -9.52
N PRO A 18 4.09 0.81 -8.90
CA PRO A 18 3.97 0.76 -7.41
C PRO A 18 5.25 0.23 -6.75
N SER A 19 5.55 0.74 -5.56
CA SER A 19 6.73 0.32 -4.83
C SER A 19 6.39 0.05 -3.37
N TYR A 20 7.06 -0.94 -2.79
CA TYR A 20 6.82 -1.30 -1.40
C TYR A 20 8.13 -1.61 -0.68
N THR A 21 8.24 -1.14 0.55
CA THR A 21 9.44 -1.38 1.35
C THR A 21 9.06 -1.88 2.74
N CYS A 22 9.71 -2.94 3.20
CA CYS A 22 9.42 -3.48 4.52
C CYS A 22 10.49 -3.05 5.53
N THR A 23 10.03 -2.62 6.70
CA THR A 23 10.93 -2.16 7.75
C THR A 23 10.64 -2.91 9.05
N ARG A 24 11.70 -3.26 9.76
CA ARG A 24 11.58 -3.99 11.02
C ARG A 24 11.28 -3.03 12.16
N GLU A 25 10.66 -3.55 13.21
CA GLU A 25 10.32 -2.74 14.37
C GLU A 25 10.47 -3.54 15.65
N GLY A 26 11.06 -2.91 16.67
CA GLY A 26 11.26 -3.56 17.96
C GLY A 26 12.68 -4.06 18.13
N PRO A 27 13.17 -4.15 19.35
CA PRO A 27 14.56 -4.62 19.64
C PRO A 27 14.73 -6.12 19.39
N ASP A 28 13.72 -6.91 19.78
CA ASP A 28 13.78 -8.35 19.60
C ASP A 28 12.57 -9.02 20.22
N HIS A 29 12.31 -8.72 21.49
CA HIS A 29 11.17 -9.30 22.19
C HIS A 29 9.86 -8.80 21.59
N ALA A 30 9.94 -7.80 20.72
CA ALA A 30 8.75 -7.25 20.08
C ALA A 30 8.93 -7.23 18.56
N PRO A 31 8.83 -8.38 17.94
CA PRO A 31 9.00 -8.53 16.47
C PRO A 31 7.88 -7.87 15.68
N ARG A 32 7.87 -6.53 15.70
CA ARG A 32 6.84 -5.78 14.98
C ARG A 32 7.30 -5.51 13.55
N PHE A 33 6.37 -5.63 12.61
CA PHE A 33 6.69 -5.40 11.20
C PHE A 33 5.87 -4.22 10.67
N LYS A 34 6.47 -3.44 9.78
CA LYS A 34 5.77 -2.30 9.19
C LYS A 34 6.37 -1.98 7.83
N ALA A 35 5.52 -1.76 6.83
CA ALA A 35 6.00 -1.44 5.49
C ALA A 35 5.26 -0.24 4.92
N SER A 36 5.91 0.46 3.99
CA SER A 36 5.31 1.64 3.37
C SER A 36 5.25 1.43 1.86
N VAL A 37 4.22 2.01 1.24
CA VAL A 37 4.04 1.87 -0.19
C VAL A 37 4.11 3.24 -0.86
N ASN A 38 4.85 3.32 -1.97
CA ASN A 38 5.00 4.57 -2.67
C ASN A 38 4.38 4.48 -4.07
N PHE A 39 3.42 5.35 -4.36
CA PHE A 39 2.78 5.36 -5.66
C PHE A 39 2.38 6.78 -6.07
N ASN A 40 2.83 7.17 -7.25
CA ASN A 40 2.53 8.50 -7.77
C ASN A 40 3.01 9.58 -6.79
N GLY A 41 4.03 9.26 -6.02
CA GLY A 41 4.58 10.21 -5.05
C GLY A 41 3.86 10.11 -3.70
N GLU A 42 2.72 9.42 -3.68
CA GLU A 42 1.94 9.27 -2.46
C GLU A 42 2.42 8.06 -1.66
N ILE A 43 2.73 8.29 -0.38
CA ILE A 43 3.23 7.22 0.48
C ILE A 43 2.17 6.82 1.49
N PHE A 44 1.86 5.52 1.52
CA PHE A 44 0.89 4.99 2.46
C PHE A 44 1.48 3.82 3.23
N GLU A 45 1.18 3.75 4.51
CA GLU A 45 1.71 2.67 5.35
C GLU A 45 0.60 1.91 6.05
N SER A 46 0.81 0.62 6.19
CA SER A 46 -0.17 -0.24 6.86
C SER A 46 -0.57 0.35 8.20
N PRO A 47 -1.68 -0.08 8.75
CA PRO A 47 -2.19 0.44 10.05
C PRO A 47 -1.08 0.51 11.11
N THR A 48 -0.51 -0.64 11.46
CA THR A 48 0.55 -0.66 12.46
C THR A 48 1.02 -2.09 12.72
N TYR A 49 0.17 -2.88 13.38
CA TYR A 49 0.53 -4.26 13.70
C TYR A 49 0.51 -5.11 12.44
N CYS A 50 1.56 -5.92 12.27
CA CYS A 50 1.66 -6.79 11.11
C CYS A 50 2.42 -8.06 11.47
N SER A 51 1.69 -9.18 11.57
CA SER A 51 2.31 -10.45 11.91
C SER A 51 3.31 -10.85 10.84
N THR A 52 2.95 -10.64 9.58
CA THR A 52 3.82 -10.98 8.47
C THR A 52 3.92 -9.82 7.48
N LEU A 53 4.96 -9.83 6.67
CA LEU A 53 5.18 -8.78 5.69
C LEU A 53 4.00 -8.74 4.72
N ARG A 54 3.38 -9.89 4.53
CA ARG A 54 2.24 -9.99 3.63
C ARG A 54 1.10 -9.10 4.10
N GLN A 55 0.89 -9.08 5.41
CA GLN A 55 -0.18 -8.26 5.99
C GLN A 55 0.10 -6.79 5.77
N ALA A 56 1.37 -6.40 5.88
CA ALA A 56 1.74 -5.02 5.68
C ALA A 56 1.59 -4.60 4.21
N GLU A 57 2.02 -5.48 3.32
CA GLU A 57 1.92 -5.20 1.90
C GLU A 57 0.46 -5.14 1.46
N HIS A 58 -0.35 -6.05 1.98
CA HIS A 58 -1.76 -6.09 1.65
C HIS A 58 -2.48 -4.84 2.15
N SER A 59 -2.24 -4.51 3.41
CA SER A 59 -2.85 -3.35 4.03
C SER A 59 -2.41 -2.06 3.34
N ALA A 60 -1.15 -2.03 2.92
CA ALA A 60 -0.62 -0.85 2.24
C ALA A 60 -1.26 -0.69 0.86
N ALA A 61 -1.31 -1.79 0.10
CA ALA A 61 -1.89 -1.76 -1.23
C ALA A 61 -3.39 -1.45 -1.17
N GLU A 62 -4.06 -2.06 -0.21
CA GLU A 62 -5.50 -1.86 -0.05
C GLU A 62 -5.80 -0.41 0.30
N VAL A 63 -5.02 0.14 1.21
CA VAL A 63 -5.19 1.52 1.63
C VAL A 63 -4.93 2.49 0.48
N ALA A 64 -3.89 2.22 -0.30
CA ALA A 64 -3.52 3.11 -1.39
C ALA A 64 -4.51 3.03 -2.52
N LEU A 65 -4.91 1.82 -2.84
CA LEU A 65 -5.87 1.60 -3.88
C LEU A 65 -7.24 2.14 -3.49
N SER A 66 -7.65 1.83 -2.26
CA SER A 66 -8.94 2.28 -1.76
C SER A 66 -8.92 3.79 -1.56
N ALA A 67 -7.75 4.33 -1.30
CA ALA A 67 -7.61 5.76 -1.10
C ALA A 67 -8.02 6.54 -2.34
N LEU A 68 -7.62 6.03 -3.50
CA LEU A 68 -7.94 6.68 -4.77
C LEU A 68 -9.45 6.69 -4.99
N SER A 69 -10.06 5.56 -4.69
CA SER A 69 -11.51 5.43 -4.87
C SER A 69 -12.25 6.37 -3.93
N SER A 70 -11.71 6.53 -2.72
CA SER A 70 -12.32 7.41 -1.73
C SER A 70 -12.38 8.84 -2.24
N LYS A 71 -11.28 9.29 -2.84
CA LYS A 71 -11.22 10.65 -3.38
C LYS A 71 -11.51 10.65 -4.89
N GLY A 72 -11.95 9.50 -5.41
CA GLY A 72 -12.25 9.39 -6.83
C GLY A 72 -13.68 8.89 -7.03
N PRO A 73 -14.66 9.74 -6.83
CA PRO A 73 -16.10 9.36 -6.99
C PRO A 73 -16.42 8.90 -8.40
N SER A 74 -17.35 7.96 -8.51
CA SER A 74 -17.74 7.43 -9.82
C SER A 74 -18.42 8.52 -10.65
N LYS A 75 -18.12 8.53 -11.95
CA LYS A 75 -18.72 9.52 -12.85
C LYS A 75 -19.83 8.88 -13.68
N LEU A 76 -20.85 9.68 -13.99
CA LEU A 76 -21.97 9.20 -14.79
C LEU A 76 -21.50 8.75 -16.16
N GLU A 77 -20.63 9.55 -16.78
CA GLU A 77 -20.11 9.24 -18.10
C GLU A 77 -19.18 8.03 -18.04
N HIS A 78 -19.24 7.19 -19.07
CA HIS A 78 -18.39 6.01 -19.12
C HIS A 78 -17.09 6.30 -19.86
N MET A 1 -3.41 -10.09 -5.54
CA MET A 1 -4.47 -9.57 -6.46
C MET A 1 -4.58 -8.06 -6.31
N TYR A 2 -4.69 -7.60 -5.06
CA TYR A 2 -4.82 -6.18 -4.79
C TYR A 2 -3.55 -5.44 -5.24
N LYS A 3 -2.40 -6.05 -4.98
CA LYS A 3 -1.13 -5.44 -5.36
C LYS A 3 -1.06 -5.28 -6.88
N ASN A 4 -1.41 -6.33 -7.59
CA ASN A 4 -1.38 -6.31 -9.06
C ASN A 4 -2.36 -5.28 -9.59
N GLN A 5 -3.53 -5.20 -8.95
CA GLN A 5 -4.55 -4.26 -9.37
C GLN A 5 -4.04 -2.82 -9.25
N LEU A 6 -3.35 -2.53 -8.16
CA LEU A 6 -2.81 -1.20 -7.93
C LEU A 6 -1.73 -0.88 -8.97
N GLN A 7 -0.91 -1.89 -9.28
CA GLN A 7 0.16 -1.71 -10.26
C GLN A 7 -0.40 -1.34 -11.62
N GLU A 8 -1.46 -2.01 -12.02
CA GLU A 8 -2.09 -1.73 -13.31
C GLU A 8 -2.65 -0.31 -13.33
N LEU A 9 -3.22 0.12 -12.21
CA LEU A 9 -3.77 1.46 -12.11
C LEU A 9 -2.69 2.51 -12.27
N ALA A 10 -1.54 2.28 -11.64
CA ALA A 10 -0.43 3.21 -11.72
C ALA A 10 0.09 3.31 -13.16
N GLN A 11 0.17 2.17 -13.83
CA GLN A 11 0.66 2.13 -15.19
C GLN A 11 -0.28 2.90 -16.11
N ARG A 12 -1.57 2.76 -15.86
CA ARG A 12 -2.57 3.45 -16.66
C ARG A 12 -2.71 4.90 -16.20
N SER A 13 -2.10 5.25 -15.07
CA SER A 13 -2.20 6.61 -14.57
C SER A 13 -1.09 7.47 -15.14
N CYS A 14 -0.11 6.82 -15.74
CA CYS A 14 1.00 7.54 -16.32
C CYS A 14 2.03 6.59 -16.92
N PHE A 15 2.59 5.73 -16.05
CA PHE A 15 3.61 4.75 -16.47
C PHE A 15 4.38 4.21 -15.27
N SER A 16 4.71 5.09 -14.32
CA SER A 16 5.48 4.70 -13.15
C SER A 16 4.74 3.64 -12.35
N LEU A 17 5.47 2.61 -11.96
CA LEU A 17 4.87 1.52 -11.17
C LEU A 17 4.99 1.81 -9.68
N PRO A 18 4.13 1.25 -8.87
CA PRO A 18 4.15 1.44 -7.38
C PRO A 18 5.30 0.69 -6.72
N SER A 19 5.80 1.23 -5.61
CA SER A 19 6.89 0.60 -4.89
C SER A 19 6.47 0.25 -3.47
N TYR A 20 7.07 -0.78 -2.91
CA TYR A 20 6.74 -1.20 -1.56
C TYR A 20 8.00 -1.56 -0.78
N THR A 21 7.98 -1.27 0.52
CA THR A 21 9.13 -1.56 1.37
C THR A 21 8.65 -2.09 2.72
N CYS A 22 9.50 -2.89 3.36
CA CYS A 22 9.16 -3.48 4.64
C CYS A 22 10.33 -3.37 5.60
N THR A 23 10.04 -3.03 6.85
CA THR A 23 11.08 -2.91 7.87
C THR A 23 10.73 -3.72 9.10
N ARG A 24 11.76 -4.13 9.85
CA ARG A 24 11.56 -4.92 11.06
C ARG A 24 12.24 -4.27 12.26
N GLU A 25 11.50 -4.10 13.35
CA GLU A 25 12.05 -3.49 14.55
C GLU A 25 11.41 -4.09 15.80
N GLY A 26 12.09 -3.95 16.93
CA GLY A 26 11.56 -4.48 18.19
C GLY A 26 12.36 -5.69 18.65
N PRO A 27 12.06 -6.18 19.82
CA PRO A 27 12.75 -7.36 20.41
C PRO A 27 12.39 -8.66 19.70
N ASP A 28 13.27 -9.65 19.80
CA ASP A 28 13.04 -10.94 19.17
C ASP A 28 11.80 -11.60 19.77
N HIS A 29 11.58 -11.39 21.06
CA HIS A 29 10.43 -11.96 21.74
C HIS A 29 9.13 -11.34 21.23
N ALA A 30 9.18 -10.03 21.01
CA ALA A 30 8.01 -9.30 20.52
C ALA A 30 8.40 -8.45 19.31
N PRO A 31 8.63 -9.09 18.20
CA PRO A 31 9.02 -8.40 16.94
C PRO A 31 7.90 -7.59 16.33
N ARG A 32 8.25 -6.47 15.73
CA ARG A 32 7.26 -5.60 15.09
C ARG A 32 7.62 -5.40 13.62
N PHE A 33 6.61 -5.45 12.75
CA PHE A 33 6.83 -5.28 11.32
C PHE A 33 5.99 -4.13 10.79
N LYS A 34 6.54 -3.41 9.83
CA LYS A 34 5.83 -2.28 9.23
C LYS A 34 6.28 -2.09 7.80
N ALA A 35 5.34 -1.88 6.89
CA ALA A 35 5.68 -1.69 5.48
C ALA A 35 5.05 -0.42 4.95
N SER A 36 5.71 0.21 3.99
CA SER A 36 5.18 1.43 3.39
C SER A 36 5.14 1.29 1.87
N VAL A 37 4.14 1.89 1.25
CA VAL A 37 3.99 1.82 -0.21
C VAL A 37 4.06 3.22 -0.84
N ASN A 38 4.85 3.37 -1.89
CA ASN A 38 4.96 4.67 -2.56
C ASN A 38 4.15 4.67 -3.84
N PHE A 39 3.36 5.73 -4.04
CA PHE A 39 2.53 5.87 -5.24
C PHE A 39 2.41 7.32 -5.66
N ASN A 40 3.05 7.65 -6.79
CA ASN A 40 2.99 9.01 -7.31
C ASN A 40 3.43 10.02 -6.26
N GLY A 41 4.45 9.68 -5.48
CA GLY A 41 4.94 10.59 -4.45
C GLY A 41 4.13 10.45 -3.16
N GLU A 42 3.03 9.71 -3.20
CA GLU A 42 2.19 9.53 -2.03
C GLU A 42 2.56 8.24 -1.31
N ILE A 43 2.76 8.32 0.00
CA ILE A 43 3.15 7.15 0.78
C ILE A 43 1.97 6.61 1.56
N PHE A 44 1.76 5.32 1.43
CA PHE A 44 0.69 4.63 2.14
C PHE A 44 1.27 3.55 3.05
N GLU A 45 1.16 3.78 4.35
CA GLU A 45 1.69 2.82 5.33
C GLU A 45 0.57 2.00 5.93
N SER A 46 0.88 0.76 6.26
CA SER A 46 -0.12 -0.13 6.84
C SER A 46 -0.77 0.53 8.06
N PRO A 47 -2.00 0.19 8.36
CA PRO A 47 -2.75 0.79 9.52
C PRO A 47 -2.11 0.43 10.86
N THR A 48 -1.51 -0.75 10.95
CA THR A 48 -0.88 -1.17 12.19
C THR A 48 0.16 -2.25 11.92
N TYR A 49 0.98 -2.55 12.91
CA TYR A 49 2.00 -3.58 12.76
C TYR A 49 1.33 -4.93 12.48
N CYS A 50 1.98 -5.72 11.64
CA CYS A 50 1.45 -7.03 11.28
C CYS A 50 2.45 -8.14 11.57
N SER A 51 1.96 -9.36 11.73
CA SER A 51 2.83 -10.50 12.01
C SER A 51 3.77 -10.76 10.83
N THR A 52 3.27 -10.53 9.62
CA THR A 52 4.08 -10.75 8.42
C THR A 52 4.06 -9.52 7.53
N LEU A 53 5.13 -9.35 6.75
CA LEU A 53 5.24 -8.22 5.85
C LEU A 53 4.16 -8.26 4.79
N ARG A 54 3.66 -9.46 4.51
CA ARG A 54 2.61 -9.63 3.50
C ARG A 54 1.38 -8.82 3.87
N GLN A 55 1.00 -8.87 5.14
CA GLN A 55 -0.16 -8.13 5.63
C GLN A 55 0.11 -6.62 5.57
N ALA A 56 1.35 -6.24 5.88
CA ALA A 56 1.71 -4.83 5.87
C ALA A 56 1.61 -4.24 4.46
N GLU A 57 2.17 -4.94 3.49
CA GLU A 57 2.12 -4.50 2.10
C GLU A 57 0.71 -4.64 1.54
N HIS A 58 0.00 -5.68 1.95
CA HIS A 58 -1.36 -5.92 1.49
C HIS A 58 -2.29 -4.80 1.92
N SER A 59 -2.20 -4.44 3.19
CA SER A 59 -3.03 -3.37 3.74
C SER A 59 -2.63 -2.03 3.12
N ALA A 60 -1.38 -1.93 2.70
CA ALA A 60 -0.92 -0.70 2.07
C ALA A 60 -1.58 -0.50 0.71
N ALA A 61 -1.60 -1.57 -0.09
CA ALA A 61 -2.21 -1.51 -1.42
C ALA A 61 -3.69 -1.22 -1.32
N GLU A 62 -4.34 -1.84 -0.33
CA GLU A 62 -5.77 -1.64 -0.14
C GLU A 62 -6.07 -0.20 0.27
N VAL A 63 -5.25 0.35 1.15
CA VAL A 63 -5.43 1.72 1.59
C VAL A 63 -5.21 2.70 0.44
N ALA A 64 -4.17 2.44 -0.36
CA ALA A 64 -3.85 3.32 -1.47
C ALA A 64 -4.87 3.18 -2.57
N LEU A 65 -5.26 1.96 -2.82
CA LEU A 65 -6.24 1.68 -3.84
C LEU A 65 -7.59 2.29 -3.48
N SER A 66 -8.01 2.04 -2.23
CA SER A 66 -9.28 2.57 -1.76
C SER A 66 -9.24 4.09 -1.73
N ALA A 67 -8.16 4.63 -1.20
CA ALA A 67 -8.00 6.07 -1.12
C ALA A 67 -7.92 6.70 -2.51
N LEU A 68 -7.22 6.01 -3.41
CA LEU A 68 -7.06 6.50 -4.77
C LEU A 68 -8.42 6.60 -5.46
N SER A 69 -9.22 5.54 -5.34
CA SER A 69 -10.53 5.52 -5.95
C SER A 69 -11.47 6.50 -5.27
N SER A 70 -11.36 6.59 -3.95
CA SER A 70 -12.22 7.49 -3.19
C SER A 70 -12.01 8.93 -3.62
N LYS A 71 -10.75 9.33 -3.76
CA LYS A 71 -10.41 10.68 -4.18
C LYS A 71 -8.90 10.87 -4.18
N GLY A 72 -8.22 10.25 -5.14
CA GLY A 72 -6.77 10.37 -5.22
C GLY A 72 -6.35 11.83 -5.31
N PRO A 73 -6.77 12.51 -6.35
CA PRO A 73 -6.45 13.95 -6.56
C PRO A 73 -7.01 14.84 -5.45
N SER A 74 -6.26 15.89 -5.11
CA SER A 74 -6.70 16.81 -4.06
C SER A 74 -7.10 16.04 -2.81
N LYS A 75 -6.30 15.05 -2.43
CA LYS A 75 -6.59 14.25 -1.25
C LYS A 75 -6.63 15.12 0.00
N LEU A 76 -5.66 16.03 0.11
CA LEU A 76 -5.59 16.91 1.26
C LEU A 76 -6.70 17.96 1.20
N GLU A 77 -7.24 18.31 2.36
CA GLU A 77 -8.30 19.30 2.43
C GLU A 77 -9.48 18.88 1.55
N HIS A 78 -9.78 17.58 1.56
CA HIS A 78 -10.89 17.06 0.75
C HIS A 78 -12.21 17.65 1.22
#